data_2BBX
#
_entry.id   2BBX
#
_cell.length_a   1.000
_cell.length_b   1.000
_cell.length_c   1.000
_cell.angle_alpha   90.00
_cell.angle_beta   90.00
_cell.angle_gamma   90.00
#
_symmetry.space_group_name_H-M   'P 1'
#
_entity_poly.entity_id   1
_entity_poly.type   'polypeptide(L)'
_entity_poly.pdbx_seq_one_letter_code
;GSASCGVWDEWSPCSVTCGKGTRSRKREILHEGCTSEIQEQCEEERCPP
;
_entity_poly.pdbx_strand_id   A
#
# COMPACT_ATOMS: atom_id res chain seq x y z
N GLY A 1 6.09 -19.52 -17.92
CA GLY A 1 5.29 -19.61 -16.67
C GLY A 1 4.81 -18.24 -16.22
N SER A 2 4.97 -17.93 -14.93
CA SER A 2 4.62 -16.62 -14.33
C SER A 2 5.51 -16.27 -13.12
N ALA A 3 5.49 -15.01 -12.69
CA ALA A 3 6.29 -14.49 -11.57
C ALA A 3 5.59 -13.29 -10.87
N SER A 4 6.18 -12.82 -9.76
CA SER A 4 5.72 -11.67 -8.97
C SER A 4 5.76 -10.31 -9.70
N CYS A 5 6.47 -10.23 -10.84
CA CYS A 5 6.73 -9.01 -11.61
C CYS A 5 7.43 -7.89 -10.81
N GLY A 6 8.22 -8.28 -9.79
CA GLY A 6 8.93 -7.40 -8.85
C GLY A 6 8.41 -7.55 -7.42
N VAL A 7 8.84 -6.65 -6.53
CA VAL A 7 8.39 -6.54 -5.13
C VAL A 7 8.21 -5.08 -4.73
N TRP A 8 7.44 -4.86 -3.66
CA TRP A 8 7.05 -3.55 -3.16
C TRP A 8 8.14 -2.79 -2.40
N ASP A 9 7.89 -1.50 -2.23
CA ASP A 9 8.73 -0.58 -1.43
C ASP A 9 8.14 -0.31 -0.03
N GLU A 10 8.63 0.70 0.68
CA GLU A 10 8.10 1.15 1.97
C GLU A 10 6.68 1.76 1.83
N TRP A 11 5.88 1.59 2.88
CA TRP A 11 4.51 2.12 2.98
C TRP A 11 4.45 3.64 3.16
N SER A 12 3.25 4.17 2.90
CA SER A 12 2.84 5.57 3.09
C SER A 12 1.98 5.73 4.35
N PRO A 13 1.77 6.96 4.89
CA PRO A 13 0.87 7.18 6.02
C PRO A 13 -0.60 6.90 5.67
N CYS A 14 -1.37 6.59 6.71
CA CYS A 14 -2.80 6.30 6.62
C CYS A 14 -3.65 7.57 6.35
N SER A 15 -4.77 7.41 5.63
CA SER A 15 -5.71 8.48 5.24
C SER A 15 -6.40 9.21 6.40
N VAL A 16 -6.42 8.61 7.61
CA VAL A 16 -6.99 9.19 8.85
C VAL A 16 -6.01 9.20 10.04
N THR A 17 -4.81 8.63 9.86
CA THR A 17 -3.76 8.42 10.89
C THR A 17 -4.26 7.86 12.24
N CYS A 18 -5.33 7.04 12.20
CA CYS A 18 -5.99 6.53 13.42
C CYS A 18 -6.49 5.06 13.41
N GLY A 19 -6.68 4.47 12.23
CA GLY A 19 -7.01 3.04 12.04
C GLY A 19 -8.25 2.74 11.16
N LYS A 20 -9.16 3.71 11.01
CA LYS A 20 -10.42 3.60 10.25
C LYS A 20 -10.30 4.08 8.79
N GLY A 21 -9.12 3.91 8.21
CA GLY A 21 -8.76 4.33 6.86
C GLY A 21 -7.70 3.44 6.22
N THR A 22 -7.16 3.87 5.08
CA THR A 22 -6.23 3.08 4.26
C THR A 22 -4.87 3.75 4.07
N ARG A 23 -3.88 2.93 3.72
CA ARG A 23 -2.50 3.32 3.37
C ARG A 23 -2.11 2.70 2.02
N SER A 24 -1.06 3.21 1.38
CA SER A 24 -0.65 2.79 0.03
C SER A 24 0.87 2.70 -0.17
N ARG A 25 1.27 2.07 -1.28
CA ARG A 25 2.67 2.00 -1.74
C ARG A 25 2.76 1.75 -3.24
N LYS A 26 3.92 2.07 -3.81
CA LYS A 26 4.28 1.96 -5.23
C LYS A 26 5.43 0.98 -5.42
N ARG A 27 5.67 0.54 -6.66
CA ARG A 27 6.81 -0.35 -7.01
C ARG A 27 7.29 -0.22 -8.46
N GLU A 28 8.50 -0.71 -8.72
CA GLU A 28 9.13 -0.74 -10.04
C GLU A 28 8.86 -2.09 -10.74
N ILE A 29 7.67 -2.18 -11.35
CA ILE A 29 7.20 -3.35 -12.13
C ILE A 29 8.20 -3.79 -13.21
N LEU A 30 8.47 -5.11 -13.28
CA LEU A 30 9.42 -5.71 -14.23
C LEU A 30 8.92 -5.74 -15.68
N HIS A 31 7.59 -5.66 -15.90
CA HIS A 31 6.94 -5.64 -17.21
C HIS A 31 5.73 -4.69 -17.20
N GLU A 32 5.32 -4.24 -18.40
CA GLU A 32 4.25 -3.24 -18.59
C GLU A 32 2.81 -3.72 -18.27
N GLY A 33 2.62 -5.02 -18.04
CA GLY A 33 1.33 -5.68 -17.82
C GLY A 33 1.09 -6.11 -16.37
N CYS A 34 1.60 -5.34 -15.41
CA CYS A 34 1.58 -5.65 -13.97
C CYS A 34 1.09 -4.46 -13.12
N THR A 35 0.49 -4.75 -11.96
CA THR A 35 0.05 -3.73 -10.98
C THR A 35 1.26 -3.06 -10.32
N SER A 36 1.25 -1.72 -10.24
CA SER A 36 2.36 -0.90 -9.72
C SER A 36 2.00 -0.05 -8.50
N GLU A 37 0.75 -0.12 -8.03
CA GLU A 37 0.23 0.61 -6.86
C GLU A 37 -0.96 -0.14 -6.21
N ILE A 38 -0.98 -0.22 -4.88
CA ILE A 38 -2.02 -0.92 -4.08
C ILE A 38 -2.39 -0.14 -2.81
N GLN A 39 -3.44 -0.61 -2.12
CA GLN A 39 -3.91 -0.10 -0.84
C GLN A 39 -4.42 -1.22 0.11
N GLU A 40 -4.43 -0.93 1.41
CA GLU A 40 -5.01 -1.78 2.48
C GLU A 40 -5.39 -0.94 3.70
N GLN A 41 -6.22 -1.47 4.61
CA GLN A 41 -6.56 -0.79 5.88
C GLN A 41 -5.29 -0.66 6.76
N CYS A 42 -5.08 0.52 7.35
CA CYS A 42 -3.88 0.79 8.14
C CYS A 42 -3.89 0.18 9.56
N GLU A 43 -2.79 0.34 10.29
CA GLU A 43 -2.57 -0.25 11.64
C GLU A 43 -2.36 0.80 12.75
N GLU A 44 -2.77 2.05 12.49
CA GLU A 44 -2.76 3.15 13.48
C GLU A 44 -3.84 2.98 14.58
N GLU A 45 -3.83 3.86 15.59
CA GLU A 45 -4.71 3.78 16.78
C GLU A 45 -5.29 5.15 17.22
N ARG A 46 -6.25 5.09 18.16
CA ARG A 46 -6.91 6.23 18.85
C ARG A 46 -7.66 7.24 17.95
N CYS A 47 -8.64 6.75 17.19
CA CYS A 47 -9.54 7.61 16.39
C CYS A 47 -10.42 8.54 17.27
N PRO A 48 -10.90 9.68 16.72
CA PRO A 48 -11.82 10.58 17.42
C PRO A 48 -13.25 10.00 17.55
N PRO A 49 -14.11 10.55 18.43
CA PRO A 49 -15.52 10.17 18.59
C PRO A 49 -16.32 10.11 17.28
N GLY A 1 -1.00 -13.96 -10.60
CA GLY A 1 -0.08 -14.10 -11.76
C GLY A 1 0.65 -15.43 -11.75
N SER A 2 1.69 -15.55 -12.59
CA SER A 2 2.46 -16.79 -12.80
C SER A 2 3.99 -16.61 -12.88
N ALA A 3 4.49 -15.38 -12.74
CA ALA A 3 5.92 -15.04 -12.72
C ALA A 3 6.20 -13.76 -11.90
N SER A 4 7.42 -13.66 -11.36
CA SER A 4 7.91 -12.47 -10.62
C SER A 4 8.07 -11.25 -11.55
N CYS A 5 7.89 -10.04 -10.99
CA CYS A 5 8.02 -8.77 -11.72
C CYS A 5 8.59 -7.62 -10.85
N GLY A 6 9.27 -7.97 -9.75
CA GLY A 6 9.82 -7.05 -8.74
C GLY A 6 9.18 -7.22 -7.37
N VAL A 7 9.51 -6.31 -6.45
CA VAL A 7 8.93 -6.21 -5.09
C VAL A 7 8.59 -4.76 -4.73
N TRP A 8 7.73 -4.61 -3.72
CA TRP A 8 7.23 -3.33 -3.25
C TRP A 8 8.22 -2.51 -2.41
N ASP A 9 7.88 -1.23 -2.21
CA ASP A 9 8.62 -0.29 -1.36
C ASP A 9 7.94 -0.12 0.03
N GLU A 10 8.35 0.88 0.81
CA GLU A 10 7.72 1.24 2.08
C GLU A 10 6.27 1.76 1.90
N TRP A 11 5.43 1.49 2.89
CA TRP A 11 4.02 1.92 2.91
C TRP A 11 3.85 3.42 3.14
N SER A 12 2.64 3.88 2.83
CA SER A 12 2.13 5.24 3.06
C SER A 12 1.25 5.29 4.33
N PRO A 13 0.97 6.47 4.91
CA PRO A 13 0.04 6.57 6.03
C PRO A 13 -1.40 6.26 5.61
N CYS A 14 -2.20 5.84 6.59
CA CYS A 14 -3.62 5.57 6.40
C CYS A 14 -4.46 6.84 6.17
N SER A 15 -5.61 6.69 5.50
CA SER A 15 -6.61 7.75 5.27
C SER A 15 -7.29 8.27 6.56
N VAL A 16 -7.12 7.57 7.69
CA VAL A 16 -7.57 7.94 9.05
C VAL A 16 -6.50 7.57 10.10
N THR A 17 -6.74 7.88 11.38
CA THR A 17 -5.82 7.62 12.51
C THR A 17 -6.37 6.62 13.54
N CYS A 18 -7.52 6.00 13.26
CA CYS A 18 -8.26 5.12 14.20
C CYS A 18 -8.39 3.65 13.72
N GLY A 19 -7.78 3.30 12.58
CA GLY A 19 -7.74 1.93 12.06
C GLY A 19 -9.00 1.47 11.31
N LYS A 20 -9.70 2.42 10.67
CA LYS A 20 -10.99 2.21 9.96
C LYS A 20 -11.02 2.90 8.59
N GLY A 21 -9.88 2.76 7.92
CA GLY A 21 -9.55 3.31 6.59
C GLY A 21 -8.53 2.44 5.84
N THR A 22 -7.86 3.02 4.85
CA THR A 22 -6.94 2.31 3.95
C THR A 22 -5.60 3.04 3.76
N ARG A 23 -4.57 2.30 3.34
CA ARG A 23 -3.21 2.78 2.99
C ARG A 23 -2.73 2.19 1.67
N SER A 24 -1.70 2.76 1.07
CA SER A 24 -1.20 2.37 -0.28
C SER A 24 0.34 2.39 -0.42
N ARG A 25 0.85 1.79 -1.51
CA ARG A 25 2.26 1.84 -1.92
C ARG A 25 2.43 1.63 -3.43
N LYS A 26 3.61 2.01 -3.92
CA LYS A 26 4.05 1.97 -5.33
C LYS A 26 5.36 1.19 -5.47
N ARG A 27 5.72 0.78 -6.70
CA ARG A 27 6.96 0.03 -6.98
C ARG A 27 7.48 0.20 -8.41
N GLU A 28 8.73 -0.25 -8.62
CA GLU A 28 9.44 -0.21 -9.90
C GLU A 28 9.37 -1.57 -10.63
N ILE A 29 8.21 -1.82 -11.26
CA ILE A 29 7.92 -3.02 -12.07
C ILE A 29 9.00 -3.33 -13.12
N LEU A 30 9.41 -4.60 -13.21
CA LEU A 30 10.44 -5.07 -14.15
C LEU A 30 9.97 -5.16 -15.61
N HIS A 31 8.64 -5.25 -15.83
CA HIS A 31 8.00 -5.32 -17.16
C HIS A 31 6.70 -4.50 -17.15
N GLU A 32 6.28 -4.00 -18.32
CA GLU A 32 5.12 -3.10 -18.47
C GLU A 32 3.76 -3.75 -18.14
N GLY A 33 3.69 -5.07 -18.22
CA GLY A 33 2.49 -5.89 -18.02
C GLY A 33 2.25 -6.33 -16.56
N CYS A 34 2.62 -5.49 -15.59
CA CYS A 34 2.57 -5.77 -14.15
C CYS A 34 1.95 -4.62 -13.34
N THR A 35 1.33 -4.93 -12.20
CA THR A 35 0.76 -3.94 -11.26
C THR A 35 1.86 -3.15 -10.56
N SER A 36 1.73 -1.81 -10.50
CA SER A 36 2.73 -0.89 -9.94
C SER A 36 2.21 -0.03 -8.77
N GLU A 37 0.95 -0.22 -8.37
CA GLU A 37 0.30 0.45 -7.23
C GLU A 37 -0.82 -0.43 -6.63
N ILE A 38 -0.86 -0.53 -5.29
CA ILE A 38 -1.83 -1.31 -4.52
C ILE A 38 -2.24 -0.59 -3.23
N GLN A 39 -3.25 -1.13 -2.55
CA GLN A 39 -3.73 -0.67 -1.24
C GLN A 39 -4.35 -1.79 -0.38
N GLU A 40 -4.55 -1.49 0.90
CA GLU A 40 -5.16 -2.41 1.89
C GLU A 40 -5.80 -1.65 3.07
N GLN A 41 -6.62 -2.34 3.87
CA GLN A 41 -7.18 -1.80 5.12
C GLN A 41 -6.06 -1.62 6.16
N CYS A 42 -6.07 -0.48 6.86
CA CYS A 42 -5.02 -0.09 7.81
C CYS A 42 -5.32 -0.48 9.28
N GLU A 43 -4.35 -0.22 10.17
CA GLU A 43 -4.45 -0.41 11.62
C GLU A 43 -3.63 0.70 12.33
N GLU A 44 -4.28 1.44 13.24
CA GLU A 44 -3.71 2.60 13.93
C GLU A 44 -4.15 2.66 15.41
N GLU A 45 -3.42 3.42 16.24
CA GLU A 45 -3.60 3.47 17.70
C GLU A 45 -5.01 3.89 18.20
N ARG A 46 -5.46 5.12 17.89
CA ARG A 46 -6.73 5.69 18.40
C ARG A 46 -7.22 6.92 17.63
N CYS A 47 -8.54 7.13 17.68
CA CYS A 47 -9.23 8.31 17.11
C CYS A 47 -8.72 9.64 17.72
N PRO A 48 -8.87 10.78 17.01
CA PRO A 48 -8.52 12.11 17.52
C PRO A 48 -9.14 12.47 18.89
N PRO A 49 -8.48 13.32 19.70
CA PRO A 49 -9.00 13.79 20.99
C PRO A 49 -10.24 14.70 20.86
N GLY A 1 -0.75 -14.14 -9.23
CA GLY A 1 0.30 -13.70 -10.18
C GLY A 1 1.19 -14.87 -10.58
N SER A 2 1.22 -15.21 -11.87
CA SER A 2 1.96 -16.37 -12.43
C SER A 2 3.49 -16.26 -12.36
N ALA A 3 4.03 -15.03 -12.22
CA ALA A 3 5.47 -14.76 -12.10
C ALA A 3 5.75 -13.47 -11.28
N SER A 4 6.99 -13.33 -10.80
CA SER A 4 7.47 -12.16 -10.05
C SER A 4 7.57 -10.89 -10.91
N CYS A 5 7.48 -9.72 -10.26
CA CYS A 5 7.55 -8.39 -10.90
C CYS A 5 8.45 -7.39 -10.15
N GLY A 6 9.17 -7.83 -9.10
CA GLY A 6 9.96 -6.99 -8.21
C GLY A 6 9.37 -6.97 -6.79
N VAL A 7 9.73 -5.96 -5.99
CA VAL A 7 9.16 -5.71 -4.65
C VAL A 7 8.73 -4.25 -4.46
N TRP A 8 7.89 -4.04 -3.44
CA TRP A 8 7.33 -2.74 -3.09
C TRP A 8 8.28 -1.84 -2.28
N ASP A 9 7.87 -0.58 -2.12
CA ASP A 9 8.55 0.43 -1.30
C ASP A 9 7.83 0.64 0.06
N GLU A 10 8.25 1.64 0.84
CA GLU A 10 7.60 2.01 2.11
C GLU A 10 6.13 2.44 1.92
N TRP A 11 5.31 2.12 2.92
CA TRP A 11 3.88 2.47 2.98
C TRP A 11 3.60 3.96 3.22
N SER A 12 2.35 4.33 2.95
CA SER A 12 1.75 5.66 3.20
C SER A 12 0.89 5.63 4.48
N PRO A 13 0.51 6.78 5.08
CA PRO A 13 -0.40 6.81 6.22
C PRO A 13 -1.82 6.36 5.83
N CYS A 14 -2.61 5.99 6.83
CA CYS A 14 -4.03 5.63 6.67
C CYS A 14 -4.87 6.84 6.18
N SER A 15 -5.94 6.55 5.43
CA SER A 15 -6.88 7.52 4.86
C SER A 15 -7.67 8.37 5.87
N VAL A 16 -7.77 7.93 7.13
CA VAL A 16 -8.55 8.61 8.20
C VAL A 16 -7.78 8.92 9.50
N THR A 17 -6.59 8.33 9.69
CA THR A 17 -5.69 8.52 10.87
C THR A 17 -6.36 8.40 12.26
N CYS A 18 -7.47 7.66 12.37
CA CYS A 18 -8.28 7.57 13.59
C CYS A 18 -8.98 6.22 13.84
N GLY A 19 -8.96 5.30 12.87
CA GLY A 19 -9.70 4.03 12.93
C GLY A 19 -9.70 3.29 11.58
N LYS A 20 -10.70 2.42 11.37
CA LYS A 20 -10.92 1.66 10.13
C LYS A 20 -10.84 2.54 8.88
N GLY A 21 -9.93 2.19 7.98
CA GLY A 21 -9.60 2.89 6.73
C GLY A 21 -8.58 2.10 5.91
N THR A 22 -7.96 2.72 4.91
CA THR A 22 -6.95 2.06 4.04
C THR A 22 -5.68 2.87 3.89
N ARG A 23 -4.58 2.20 3.48
CA ARG A 23 -3.27 2.79 3.16
C ARG A 23 -2.76 2.24 1.84
N SER A 24 -1.86 2.96 1.17
CA SER A 24 -1.37 2.62 -0.18
C SER A 24 0.15 2.74 -0.36
N ARG A 25 0.68 2.16 -1.44
CA ARG A 25 2.09 2.28 -1.87
C ARG A 25 2.25 2.03 -3.38
N LYS A 26 3.40 2.46 -3.90
CA LYS A 26 3.82 2.38 -5.31
C LYS A 26 5.14 1.59 -5.43
N ARG A 27 5.50 1.17 -6.64
CA ARG A 27 6.76 0.47 -6.94
C ARG A 27 7.23 0.64 -8.39
N GLU A 28 8.40 0.08 -8.70
CA GLU A 28 9.00 0.08 -10.04
C GLU A 28 9.04 -1.36 -10.61
N ILE A 29 7.93 -1.76 -11.22
CA ILE A 29 7.74 -3.06 -11.89
C ILE A 29 8.85 -3.41 -12.88
N LEU A 30 9.38 -4.63 -12.79
CA LEU A 30 10.44 -5.16 -13.65
C LEU A 30 9.98 -5.46 -15.08
N HIS A 31 8.66 -5.57 -15.32
CA HIS A 31 8.04 -5.78 -16.63
C HIS A 31 6.79 -4.91 -16.80
N GLU A 32 6.42 -4.62 -18.05
CA GLU A 32 5.32 -3.70 -18.42
C GLU A 32 3.90 -4.21 -18.18
N GLY A 33 3.73 -5.49 -17.80
CA GLY A 33 2.45 -6.18 -17.66
C GLY A 33 2.11 -6.59 -16.22
N CYS A 34 2.39 -5.73 -15.24
CA CYS A 34 2.17 -6.00 -13.80
C CYS A 34 1.67 -4.77 -13.02
N THR A 35 1.11 -5.00 -11.82
CA THR A 35 0.58 -3.93 -10.94
C THR A 35 1.71 -3.12 -10.29
N SER A 36 1.60 -1.79 -10.29
CA SER A 36 2.61 -0.85 -9.77
C SER A 36 2.09 0.08 -8.67
N GLU A 37 0.83 -0.07 -8.25
CA GLU A 37 0.19 0.66 -7.15
C GLU A 37 -0.94 -0.19 -6.51
N ILE A 38 -0.95 -0.29 -5.18
CA ILE A 38 -1.91 -1.09 -4.39
C ILE A 38 -2.30 -0.38 -3.08
N GLN A 39 -3.29 -0.95 -2.38
CA GLN A 39 -3.73 -0.54 -1.05
C GLN A 39 -4.34 -1.71 -0.25
N GLU A 40 -4.39 -1.55 1.07
CA GLU A 40 -4.96 -2.51 2.03
C GLU A 40 -5.58 -1.80 3.25
N GLN A 41 -6.36 -2.52 4.06
CA GLN A 41 -6.90 -2.00 5.32
C GLN A 41 -5.78 -1.61 6.30
N CYS A 42 -5.85 -0.40 6.87
CA CYS A 42 -4.86 0.13 7.80
C CYS A 42 -5.03 -0.43 9.24
N GLU A 43 -4.19 0.03 10.19
CA GLU A 43 -4.13 -0.49 11.57
C GLU A 43 -4.31 0.58 12.67
N GLU A 44 -4.87 1.75 12.31
CA GLU A 44 -5.19 2.82 13.25
C GLU A 44 -6.35 2.43 14.20
N GLU A 45 -6.38 3.01 15.41
CA GLU A 45 -7.34 2.66 16.47
C GLU A 45 -8.04 3.87 17.14
N ARG A 46 -7.33 4.99 17.24
CA ARG A 46 -7.80 6.26 17.81
C ARG A 46 -7.18 7.48 17.13
N CYS A 47 -7.87 8.62 17.20
CA CYS A 47 -7.39 9.91 16.69
C CYS A 47 -6.14 10.43 17.44
N PRO A 48 -5.36 11.35 16.82
CA PRO A 48 -4.20 11.98 17.47
C PRO A 48 -4.62 13.00 18.57
N PRO A 49 -3.72 13.33 19.52
CA PRO A 49 -3.96 14.31 20.59
C PRO A 49 -4.12 15.75 20.07
N GLY A 1 11.38 -23.03 -14.42
CA GLY A 1 11.54 -21.60 -14.76
C GLY A 1 10.42 -20.77 -14.16
N SER A 2 10.78 -19.65 -13.50
CA SER A 2 9.85 -18.75 -12.80
C SER A 2 10.27 -17.27 -12.95
N ALA A 3 9.32 -16.35 -12.77
CA ALA A 3 9.51 -14.89 -12.83
C ALA A 3 8.50 -14.14 -11.93
N SER A 4 8.73 -12.84 -11.72
CA SER A 4 7.88 -11.94 -10.92
C SER A 4 8.00 -10.48 -11.39
N CYS A 5 7.06 -9.64 -10.95
CA CYS A 5 7.05 -8.19 -11.24
C CYS A 5 7.92 -7.36 -10.26
N GLY A 6 8.50 -7.97 -9.24
CA GLY A 6 9.26 -7.30 -8.16
C GLY A 6 8.52 -7.34 -6.82
N VAL A 7 8.90 -6.43 -5.91
CA VAL A 7 8.24 -6.22 -4.60
C VAL A 7 7.90 -4.76 -4.36
N TRP A 8 7.02 -4.53 -3.39
CA TRP A 8 6.51 -3.21 -3.02
C TRP A 8 7.47 -2.37 -2.17
N ASP A 9 7.14 -1.08 -2.03
CA ASP A 9 7.84 -0.11 -1.18
C ASP A 9 7.15 0.06 0.21
N GLU A 10 7.65 0.98 1.02
CA GLU A 10 7.06 1.39 2.29
C GLU A 10 5.63 1.93 2.09
N TRP A 11 4.74 1.64 3.04
CA TRP A 11 3.35 2.09 3.03
C TRP A 11 3.17 3.60 3.24
N SER A 12 2.00 4.07 2.84
CA SER A 12 1.51 5.45 3.02
C SER A 12 0.58 5.52 4.25
N PRO A 13 0.33 6.71 4.83
CA PRO A 13 -0.63 6.86 5.92
C PRO A 13 -2.06 6.57 5.45
N CYS A 14 -2.91 6.21 6.41
CA CYS A 14 -4.33 5.99 6.19
C CYS A 14 -5.11 7.30 5.91
N SER A 15 -6.28 7.17 5.28
CA SER A 15 -7.26 8.24 5.01
C SER A 15 -7.85 8.89 6.29
N VAL A 16 -7.63 8.27 7.45
CA VAL A 16 -8.00 8.76 8.80
C VAL A 16 -6.85 8.53 9.79
N THR A 17 -6.98 9.08 11.01
CA THR A 17 -5.93 9.03 12.06
C THR A 17 -6.45 8.56 13.43
N CYS A 18 -7.70 8.06 13.51
CA CYS A 18 -8.36 7.70 14.78
C CYS A 18 -9.21 6.40 14.75
N GLY A 19 -9.31 5.75 13.58
CA GLY A 19 -10.14 4.56 13.36
C GLY A 19 -9.86 3.83 12.06
N LYS A 20 -10.86 3.07 11.57
CA LYS A 20 -10.80 2.33 10.30
C LYS A 20 -10.94 3.27 9.11
N GLY A 21 -10.25 2.89 8.03
CA GLY A 21 -10.14 3.64 6.77
C GLY A 21 -9.41 2.83 5.70
N THR A 22 -8.66 3.48 4.81
CA THR A 22 -7.83 2.83 3.78
C THR A 22 -6.46 3.49 3.62
N ARG A 23 -5.46 2.70 3.19
CA ARG A 23 -4.08 3.15 2.87
C ARG A 23 -3.59 2.59 1.52
N SER A 24 -2.43 3.03 1.05
CA SER A 24 -1.89 2.66 -0.29
C SER A 24 -0.36 2.66 -0.39
N ARG A 25 0.16 2.12 -1.50
CA ARG A 25 1.59 2.16 -1.87
C ARG A 25 1.81 1.96 -3.38
N LYS A 26 2.97 2.39 -3.86
CA LYS A 26 3.47 2.27 -5.24
C LYS A 26 4.71 1.36 -5.28
N ARG A 27 5.10 0.94 -6.49
CA ARG A 27 6.33 0.17 -6.74
C ARG A 27 6.88 0.38 -8.16
N GLU A 28 8.07 -0.15 -8.42
CA GLU A 28 8.77 -0.07 -9.71
C GLU A 28 8.82 -1.46 -10.39
N ILE A 29 7.73 -1.78 -11.08
CA ILE A 29 7.53 -3.04 -11.82
C ILE A 29 8.72 -3.40 -12.74
N LEU A 30 9.20 -4.63 -12.62
CA LEU A 30 10.33 -5.17 -13.41
C LEU A 30 10.00 -5.40 -14.89
N HIS A 31 8.71 -5.54 -15.25
CA HIS A 31 8.23 -5.77 -16.61
C HIS A 31 6.93 -5.00 -16.88
N GLU A 32 6.71 -4.64 -18.15
CA GLU A 32 5.48 -3.96 -18.61
C GLU A 32 4.25 -4.87 -18.49
N GLY A 33 3.11 -4.31 -18.07
CA GLY A 33 1.82 -5.03 -18.01
C GLY A 33 1.46 -5.59 -16.62
N CYS A 34 2.09 -5.10 -15.55
CA CYS A 34 1.84 -5.52 -14.17
C CYS A 34 1.37 -4.36 -13.27
N THR A 35 0.71 -4.67 -12.14
CA THR A 35 0.21 -3.67 -11.17
C THR A 35 1.36 -2.93 -10.49
N SER A 36 1.29 -1.60 -10.44
CA SER A 36 2.32 -0.72 -9.88
C SER A 36 1.82 0.20 -8.75
N GLU A 37 0.54 0.11 -8.40
CA GLU A 37 -0.11 0.82 -7.27
C GLU A 37 -1.32 0.02 -6.75
N ILE A 38 -1.49 -0.05 -5.43
CA ILE A 38 -2.56 -0.80 -4.75
C ILE A 38 -3.10 -0.05 -3.52
N GLN A 39 -4.21 -0.56 -2.97
CA GLN A 39 -4.86 -0.07 -1.75
C GLN A 39 -5.36 -1.22 -0.87
N GLU A 40 -5.53 -0.97 0.42
CA GLU A 40 -6.14 -1.89 1.40
C GLU A 40 -6.77 -1.12 2.57
N GLN A 41 -7.58 -1.80 3.39
CA GLN A 41 -8.13 -1.21 4.61
C GLN A 41 -7.05 -0.97 5.69
N CYS A 42 -7.31 0.01 6.55
CA CYS A 42 -6.49 0.36 7.72
C CYS A 42 -7.28 0.21 9.03
N GLU A 43 -6.57 0.27 10.16
CA GLU A 43 -7.16 0.21 11.52
C GLU A 43 -6.25 0.96 12.52
N GLU A 44 -6.35 2.30 12.55
CA GLU A 44 -5.65 3.12 13.55
C GLU A 44 -6.25 2.89 14.94
N GLU A 45 -5.40 2.63 15.94
CA GLU A 45 -5.81 2.26 17.31
C GLU A 45 -6.60 3.37 18.04
N ARG A 46 -6.14 4.62 17.92
CA ARG A 46 -6.70 5.82 18.57
C ARG A 46 -6.27 7.11 17.87
N CYS A 47 -6.88 8.24 18.24
CA CYS A 47 -6.52 9.58 17.78
C CYS A 47 -5.07 9.95 18.18
N PRO A 48 -4.44 10.94 17.51
CA PRO A 48 -3.10 11.46 17.86
C PRO A 48 -2.94 11.89 19.34
N PRO A 49 -1.71 11.92 19.88
CA PRO A 49 -1.38 12.40 21.23
C PRO A 49 -2.00 13.78 21.59
N GLY A 1 2.74 -18.77 -8.10
CA GLY A 1 2.87 -17.78 -9.19
C GLY A 1 3.92 -18.21 -10.20
N SER A 2 3.52 -18.38 -11.47
CA SER A 2 4.38 -18.86 -12.57
C SER A 2 5.47 -17.88 -13.03
N ALA A 3 5.36 -16.60 -12.64
CA ALA A 3 6.33 -15.54 -12.98
C ALA A 3 6.40 -14.44 -11.87
N SER A 4 7.38 -13.55 -12.00
CA SER A 4 7.62 -12.40 -11.09
C SER A 4 7.96 -11.13 -11.89
N CYS A 5 7.74 -9.95 -11.30
CA CYS A 5 7.90 -8.64 -11.95
C CYS A 5 8.49 -7.55 -11.04
N GLY A 6 9.13 -7.95 -9.94
CA GLY A 6 9.76 -7.07 -8.95
C GLY A 6 9.13 -7.21 -7.55
N VAL A 7 9.50 -6.29 -6.64
CA VAL A 7 8.94 -6.16 -5.29
C VAL A 7 8.60 -4.71 -4.96
N TRP A 8 7.76 -4.52 -3.94
CA TRP A 8 7.28 -3.23 -3.47
C TRP A 8 8.31 -2.43 -2.65
N ASP A 9 7.96 -1.17 -2.39
CA ASP A 9 8.74 -0.23 -1.55
C ASP A 9 8.02 0.04 -0.19
N GLU A 10 8.51 1.02 0.58
CA GLU A 10 7.90 1.45 1.85
C GLU A 10 6.43 1.92 1.70
N TRP A 11 5.62 1.67 2.73
CA TRP A 11 4.21 2.03 2.80
C TRP A 11 3.96 3.53 3.04
N SER A 12 2.71 3.92 2.77
CA SER A 12 2.14 5.26 3.03
C SER A 12 1.36 5.23 4.36
N PRO A 13 1.08 6.38 5.00
CA PRO A 13 0.27 6.42 6.20
C PRO A 13 -1.20 5.99 5.94
N CYS A 14 -1.85 5.51 7.00
CA CYS A 14 -3.28 5.16 6.99
C CYS A 14 -4.15 6.39 6.61
N SER A 15 -5.25 6.17 5.87
CA SER A 15 -6.15 7.25 5.40
C SER A 15 -6.94 7.97 6.52
N VAL A 16 -6.87 7.47 7.76
CA VAL A 16 -7.53 8.04 8.96
C VAL A 16 -6.61 7.98 10.19
N THR A 17 -6.97 8.73 11.25
CA THR A 17 -6.18 8.87 12.50
C THR A 17 -7.03 8.71 13.77
N CYS A 18 -8.26 8.20 13.64
CA CYS A 18 -9.25 8.07 14.72
C CYS A 18 -10.08 6.78 14.67
N GLY A 19 -9.76 5.88 13.72
CA GLY A 19 -10.50 4.64 13.45
C GLY A 19 -9.79 3.72 12.45
N LYS A 20 -10.52 3.23 11.44
CA LYS A 20 -10.02 2.28 10.42
C LYS A 20 -10.27 2.80 8.99
N GLY A 21 -9.36 2.46 8.08
CA GLY A 21 -9.34 2.96 6.70
C GLY A 21 -8.47 2.09 5.79
N THR A 22 -7.75 2.69 4.83
CA THR A 22 -6.78 2.01 3.96
C THR A 22 -5.46 2.76 3.80
N ARG A 23 -4.38 2.02 3.52
CA ARG A 23 -3.03 2.51 3.20
C ARG A 23 -2.62 2.05 1.79
N SER A 24 -1.55 2.61 1.22
CA SER A 24 -1.11 2.29 -0.15
C SER A 24 0.41 2.37 -0.38
N ARG A 25 0.87 1.85 -1.51
CA ARG A 25 2.27 1.95 -1.98
C ARG A 25 2.37 1.75 -3.49
N LYS A 26 3.52 2.15 -4.04
CA LYS A 26 3.90 2.07 -5.46
C LYS A 26 5.24 1.33 -5.61
N ARG A 27 5.60 0.92 -6.83
CA ARG A 27 6.85 0.20 -7.13
C ARG A 27 7.36 0.39 -8.56
N GLU A 28 8.61 0.02 -8.79
CA GLU A 28 9.27 0.03 -10.10
C GLU A 28 9.20 -1.36 -10.78
N ILE A 29 8.05 -1.64 -11.40
CA ILE A 29 7.78 -2.86 -12.18
C ILE A 29 8.84 -3.17 -13.25
N LEU A 30 9.26 -4.43 -13.34
CA LEU A 30 10.30 -4.89 -14.28
C LEU A 30 9.82 -4.98 -15.74
N HIS A 31 8.50 -5.11 -15.95
CA HIS A 31 7.85 -5.20 -17.27
C HIS A 31 6.56 -4.35 -17.29
N GLU A 32 6.15 -3.88 -18.48
CA GLU A 32 5.01 -2.96 -18.64
C GLU A 32 3.63 -3.57 -18.31
N GLY A 33 3.54 -4.90 -18.33
CA GLY A 33 2.31 -5.69 -18.11
C GLY A 33 2.09 -6.13 -16.67
N CYS A 34 2.43 -5.29 -15.69
CA CYS A 34 2.39 -5.59 -14.25
C CYS A 34 1.74 -4.45 -13.43
N THR A 35 1.19 -4.79 -12.26
CA THR A 35 0.60 -3.82 -11.31
C THR A 35 1.71 -3.02 -10.61
N SER A 36 1.55 -1.70 -10.53
CA SER A 36 2.54 -0.76 -9.95
C SER A 36 1.97 0.12 -8.83
N GLU A 37 0.73 -0.11 -8.41
CA GLU A 37 0.05 0.57 -7.29
C GLU A 37 -1.02 -0.34 -6.66
N ILE A 38 -1.05 -0.43 -5.32
CA ILE A 38 -1.99 -1.26 -4.54
C ILE A 38 -2.45 -0.57 -3.24
N GLN A 39 -3.43 -1.18 -2.57
CA GLN A 39 -3.94 -0.77 -1.26
C GLN A 39 -4.16 -1.96 -0.31
N GLU A 40 -4.20 -1.67 0.99
CA GLU A 40 -4.52 -2.61 2.08
C GLU A 40 -5.31 -1.89 3.19
N GLN A 41 -6.05 -2.65 4.00
CA GLN A 41 -6.74 -2.13 5.19
C GLN A 41 -5.72 -1.59 6.21
N CYS A 42 -6.09 -0.54 6.95
CA CYS A 42 -5.26 0.03 8.03
C CYS A 42 -6.12 0.38 9.26
N GLU A 43 -5.47 0.47 10.43
CA GLU A 43 -6.11 0.68 11.73
C GLU A 43 -5.27 1.62 12.61
N GLU A 44 -5.90 2.50 13.36
CA GLU A 44 -5.26 3.48 14.27
C GLU A 44 -6.05 3.64 15.60
N GLU A 45 -5.40 4.27 16.58
CA GLU A 45 -5.99 4.64 17.88
C GLU A 45 -7.02 5.79 17.74
N ARG A 46 -7.59 6.22 18.88
CA ARG A 46 -8.51 7.37 18.99
C ARG A 46 -7.89 8.69 18.48
N CYS A 47 -8.74 9.68 18.20
CA CYS A 47 -8.38 10.99 17.64
C CYS A 47 -7.23 11.69 18.40
N PRO A 48 -6.36 12.46 17.71
CA PRO A 48 -5.29 13.26 18.33
C PRO A 48 -5.78 14.24 19.44
N PRO A 49 -4.90 14.64 20.37
CA PRO A 49 -5.17 15.65 21.42
C PRO A 49 -5.81 16.96 20.90
N GLY A 1 10.88 -22.63 -13.29
CA GLY A 1 11.00 -21.31 -13.97
C GLY A 1 9.63 -20.76 -14.35
N SER A 2 9.38 -19.49 -14.01
CA SER A 2 8.12 -18.77 -14.29
C SER A 2 8.33 -17.26 -14.43
N ALA A 3 7.32 -16.54 -14.95
CA ALA A 3 7.33 -15.08 -15.10
C ALA A 3 7.37 -14.33 -13.75
N SER A 4 7.81 -13.07 -13.77
CA SER A 4 7.86 -12.16 -12.61
C SER A 4 7.91 -10.68 -13.05
N CYS A 5 7.57 -9.77 -12.13
CA CYS A 5 7.46 -8.32 -12.37
C CYS A 5 8.14 -7.44 -11.30
N GLY A 6 8.84 -8.03 -10.32
CA GLY A 6 9.50 -7.33 -9.22
C GLY A 6 8.77 -7.51 -7.87
N VAL A 7 9.17 -6.70 -6.88
CA VAL A 7 8.55 -6.62 -5.54
C VAL A 7 8.29 -5.17 -5.11
N TRP A 8 7.42 -5.02 -4.12
CA TRP A 8 7.01 -3.73 -3.58
C TRP A 8 8.07 -3.01 -2.72
N ASP A 9 7.79 -1.75 -2.41
CA ASP A 9 8.60 -0.90 -1.52
C ASP A 9 7.92 -0.71 -0.14
N GLU A 10 8.48 0.15 0.72
CA GLU A 10 7.89 0.51 2.03
C GLU A 10 6.50 1.15 1.90
N TRP A 11 5.67 0.92 2.93
CA TRP A 11 4.28 1.40 3.00
C TRP A 11 4.15 2.90 3.33
N SER A 12 2.95 3.41 3.05
CA SER A 12 2.49 4.77 3.37
C SER A 12 1.71 4.77 4.70
N PRO A 13 1.51 5.93 5.36
CA PRO A 13 0.68 6.02 6.57
C PRO A 13 -0.80 5.73 6.28
N CYS A 14 -1.53 5.37 7.33
CA CYS A 14 -2.98 5.14 7.30
C CYS A 14 -3.75 6.43 6.94
N SER A 15 -4.85 6.32 6.19
CA SER A 15 -5.69 7.46 5.74
C SER A 15 -6.45 8.19 6.87
N VAL A 16 -6.43 7.67 8.10
CA VAL A 16 -7.07 8.25 9.29
C VAL A 16 -6.18 8.16 10.53
N THR A 17 -6.54 8.90 11.59
CA THR A 17 -5.77 9.05 12.84
C THR A 17 -6.65 8.92 14.10
N CYS A 18 -7.84 8.31 13.96
CA CYS A 18 -8.85 8.19 15.02
C CYS A 18 -9.61 6.84 15.06
N GLY A 19 -9.39 5.96 14.09
CA GLY A 19 -10.10 4.69 13.94
C GLY A 19 -9.51 3.77 12.87
N LYS A 20 -10.24 3.53 11.77
CA LYS A 20 -9.82 2.64 10.67
C LYS A 20 -10.08 3.24 9.28
N GLY A 21 -9.22 2.86 8.32
CA GLY A 21 -9.18 3.39 6.96
C GLY A 21 -8.40 2.46 6.00
N THR A 22 -7.62 3.03 5.08
CA THR A 22 -6.73 2.28 4.17
C THR A 22 -5.34 2.92 4.03
N ARG A 23 -4.34 2.10 3.72
CA ARG A 23 -2.96 2.52 3.38
C ARG A 23 -2.55 2.01 2.00
N SER A 24 -1.45 2.54 1.44
CA SER A 24 -1.01 2.22 0.06
C SER A 24 0.51 2.18 -0.13
N ARG A 25 0.95 1.67 -1.28
CA ARG A 25 2.35 1.68 -1.75
C ARG A 25 2.45 1.56 -3.26
N LYS A 26 3.61 1.97 -3.79
CA LYS A 26 3.99 1.96 -5.21
C LYS A 26 5.19 1.03 -5.42
N ARG A 27 5.49 0.68 -6.68
CA ARG A 27 6.68 -0.11 -7.05
C ARG A 27 7.15 0.14 -8.49
N GLU A 28 8.40 -0.22 -8.77
CA GLU A 28 9.03 -0.13 -10.09
C GLU A 28 8.89 -1.45 -10.86
N ILE A 29 7.70 -1.65 -11.46
CA ILE A 29 7.36 -2.81 -12.30
C ILE A 29 8.38 -3.08 -13.43
N LEU A 30 8.78 -4.34 -13.60
CA LEU A 30 9.70 -4.77 -14.66
C LEU A 30 9.04 -4.85 -16.05
N HIS A 31 7.71 -5.01 -16.12
CA HIS A 31 6.94 -5.09 -17.37
C HIS A 31 5.60 -4.36 -17.29
N GLU A 32 5.07 -3.94 -18.44
CA GLU A 32 3.85 -3.13 -18.58
C GLU A 32 2.52 -3.85 -18.27
N GLY A 33 2.56 -5.19 -18.14
CA GLY A 33 1.41 -6.06 -17.88
C GLY A 33 1.19 -6.41 -16.40
N CYS A 34 1.68 -5.56 -15.49
CA CYS A 34 1.69 -5.79 -14.05
C CYS A 34 1.30 -4.52 -13.25
N THR A 35 0.67 -4.72 -12.09
CA THR A 35 0.19 -3.66 -11.18
C THR A 35 1.35 -2.93 -10.51
N SER A 36 1.28 -1.60 -10.43
CA SER A 36 2.33 -0.71 -9.89
C SER A 36 1.90 0.11 -8.67
N GLU A 37 0.63 0.01 -8.25
CA GLU A 37 0.08 0.65 -7.05
C GLU A 37 -1.11 -0.14 -6.49
N ILE A 38 -1.17 -0.31 -5.16
CA ILE A 38 -2.19 -1.10 -4.43
C ILE A 38 -2.60 -0.43 -3.11
N GLN A 39 -3.64 -0.98 -2.47
CA GLN A 39 -4.13 -0.59 -1.15
C GLN A 39 -4.57 -1.78 -0.29
N GLU A 40 -4.63 -1.57 1.03
CA GLU A 40 -5.18 -2.50 2.04
C GLU A 40 -5.74 -1.71 3.23
N GLN A 41 -6.57 -2.35 4.07
CA GLN A 41 -7.09 -1.72 5.29
C GLN A 41 -5.98 -1.39 6.31
N CYS A 42 -6.21 -0.36 7.12
CA CYS A 42 -5.33 0.09 8.20
C CYS A 42 -6.12 0.52 9.46
N GLU A 43 -5.46 0.56 10.62
CA GLU A 43 -6.05 0.95 11.91
C GLU A 43 -5.07 1.80 12.75
N GLU A 44 -5.59 2.71 13.56
CA GLU A 44 -4.85 3.62 14.44
C GLU A 44 -5.57 3.84 15.79
N GLU A 45 -4.88 4.47 16.74
CA GLU A 45 -5.44 4.88 18.04
C GLU A 45 -6.51 6.00 17.94
N ARG A 46 -7.09 6.40 19.07
CA ARG A 46 -8.09 7.49 19.19
C ARG A 46 -7.59 8.85 18.68
N CYS A 47 -8.52 9.77 18.42
CA CYS A 47 -8.27 11.13 17.93
C CYS A 47 -7.24 11.91 18.81
N PRO A 48 -6.50 12.87 18.21
CA PRO A 48 -5.51 13.69 18.91
C PRO A 48 -6.17 14.74 19.83
N PRO A 49 -5.43 15.27 20.84
CA PRO A 49 -5.92 16.31 21.75
C PRO A 49 -6.15 17.67 21.07
N GLY A 1 4.59 -21.84 -14.19
CA GLY A 1 4.78 -20.39 -14.42
C GLY A 1 6.07 -19.88 -13.80
N SER A 2 6.64 -18.82 -14.37
CA SER A 2 7.94 -18.22 -13.97
C SER A 2 7.98 -16.69 -13.98
N ALA A 3 6.86 -16.01 -14.25
CA ALA A 3 6.74 -14.55 -14.25
C ALA A 3 6.95 -13.93 -12.85
N SER A 4 7.29 -12.65 -12.81
CA SER A 4 7.45 -11.83 -11.58
C SER A 4 7.38 -10.32 -11.90
N CYS A 5 7.09 -9.51 -10.87
CA CYS A 5 7.00 -8.04 -10.97
C CYS A 5 7.83 -7.30 -9.89
N GLY A 6 8.63 -8.01 -9.09
CA GLY A 6 9.37 -7.46 -7.96
C GLY A 6 8.57 -7.50 -6.65
N VAL A 7 9.00 -6.68 -5.68
CA VAL A 7 8.32 -6.48 -4.38
C VAL A 7 8.07 -4.99 -4.10
N TRP A 8 7.17 -4.72 -3.16
CA TRP A 8 6.76 -3.39 -2.74
C TRP A 8 7.80 -2.63 -1.92
N ASP A 9 7.54 -1.34 -1.71
CA ASP A 9 8.32 -0.44 -0.87
C ASP A 9 7.61 -0.16 0.48
N GLU A 10 8.14 0.77 1.29
CA GLU A 10 7.51 1.22 2.54
C GLU A 10 6.10 1.82 2.34
N TRP A 11 5.23 1.62 3.33
CA TRP A 11 3.87 2.17 3.36
C TRP A 11 3.81 3.68 3.58
N SER A 12 2.62 4.23 3.36
CA SER A 12 2.24 5.63 3.61
C SER A 12 1.13 5.71 4.70
N PRO A 13 0.82 6.89 5.27
CA PRO A 13 -0.13 7.00 6.37
C PRO A 13 -1.59 6.71 5.97
N CYS A 14 -2.38 6.34 6.97
CA CYS A 14 -3.81 6.03 6.81
C CYS A 14 -4.67 7.29 6.58
N SER A 15 -5.80 7.13 5.88
CA SER A 15 -6.77 8.20 5.58
C SER A 15 -7.49 8.82 6.79
N VAL A 16 -7.48 8.14 7.95
CA VAL A 16 -8.14 8.58 9.20
C VAL A 16 -7.27 8.47 10.47
N THR A 17 -6.08 7.87 10.36
CA THR A 17 -5.15 7.56 11.47
C THR A 17 -5.80 6.92 12.71
N CYS A 18 -6.82 6.08 12.50
CA CYS A 18 -7.62 5.47 13.58
C CYS A 18 -8.11 4.01 13.32
N GLY A 19 -7.72 3.42 12.18
CA GLY A 19 -8.01 2.01 11.84
C GLY A 19 -9.32 1.77 11.06
N LYS A 20 -10.05 2.85 10.74
CA LYS A 20 -11.38 2.85 10.10
C LYS A 20 -11.34 3.43 8.67
N GLY A 21 -10.18 3.30 8.04
CA GLY A 21 -9.82 3.82 6.72
C GLY A 21 -8.70 3.01 6.07
N THR A 22 -8.09 3.55 5.00
CA THR A 22 -7.10 2.84 4.19
C THR A 22 -5.75 3.54 4.10
N ARG A 23 -4.72 2.77 3.75
CA ARG A 23 -3.34 3.19 3.48
C ARG A 23 -2.88 2.64 2.13
N SER A 24 -1.80 3.20 1.56
CA SER A 24 -1.33 2.84 0.21
C SER A 24 0.19 2.79 0.08
N ARG A 25 0.66 2.16 -1.01
CA ARG A 25 2.07 2.12 -1.43
C ARG A 25 2.19 1.87 -2.93
N LYS A 26 3.40 2.13 -3.45
CA LYS A 26 3.78 2.00 -4.87
C LYS A 26 5.08 1.21 -5.00
N ARG A 27 5.40 0.76 -6.22
CA ARG A 27 6.59 -0.06 -6.50
C ARG A 27 7.10 0.09 -7.94
N GLU A 28 8.35 -0.29 -8.16
CA GLU A 28 9.02 -0.24 -9.47
C GLU A 28 8.94 -1.60 -10.18
N ILE A 29 7.80 -1.84 -10.84
CA ILE A 29 7.49 -3.06 -11.60
C ILE A 29 8.58 -3.44 -12.62
N LEU A 30 8.99 -4.71 -12.61
CA LEU A 30 10.02 -5.27 -13.51
C LEU A 30 9.61 -5.27 -15.01
N HIS A 31 8.30 -5.38 -15.29
CA HIS A 31 7.74 -5.39 -16.65
C HIS A 31 6.44 -4.57 -16.72
N GLU A 32 6.18 -3.98 -17.88
CA GLU A 32 5.01 -3.13 -18.13
C GLU A 32 3.68 -3.89 -18.02
N GLY A 33 2.66 -3.26 -17.42
CA GLY A 33 1.29 -3.78 -17.32
C GLY A 33 0.94 -4.43 -15.97
N CYS A 34 1.93 -4.78 -15.15
CA CYS A 34 1.72 -5.31 -13.80
C CYS A 34 1.24 -4.21 -12.83
N THR A 35 0.62 -4.61 -11.70
CA THR A 35 0.15 -3.67 -10.66
C THR A 35 1.33 -2.95 -10.01
N SER A 36 1.26 -1.62 -9.92
CA SER A 36 2.32 -0.76 -9.37
C SER A 36 1.81 0.18 -8.26
N GLU A 37 0.54 0.04 -7.85
CA GLU A 37 -0.13 0.83 -6.80
C GLU A 37 -1.29 0.04 -6.20
N ILE A 38 -1.39 -0.02 -4.86
CA ILE A 38 -2.42 -0.77 -4.10
C ILE A 38 -2.88 -0.02 -2.84
N GLN A 39 -3.95 -0.53 -2.22
CA GLN A 39 -4.50 -0.09 -0.93
C GLN A 39 -5.00 -1.26 -0.06
N GLU A 40 -5.08 -1.02 1.25
CA GLU A 40 -5.67 -1.92 2.26
C GLU A 40 -6.14 -1.15 3.49
N GLN A 41 -7.00 -1.75 4.33
CA GLN A 41 -7.41 -1.18 5.61
C GLN A 41 -6.21 -1.06 6.57
N CYS A 42 -6.02 0.11 7.17
CA CYS A 42 -4.87 0.38 8.04
C CYS A 42 -5.00 -0.24 9.45
N GLU A 43 -3.93 -0.12 10.26
CA GLU A 43 -3.81 -0.75 11.59
C GLU A 43 -3.59 0.28 12.73
N GLU A 44 -3.88 1.55 12.45
CA GLU A 44 -3.74 2.67 13.40
C GLU A 44 -4.81 2.65 14.52
N GLU A 45 -4.59 3.44 15.58
CA GLU A 45 -5.46 3.58 16.76
C GLU A 45 -5.44 5.04 17.28
N ARG A 46 -6.40 5.37 18.18
CA ARG A 46 -6.52 6.67 18.89
C ARG A 46 -6.56 7.88 17.93
N CYS A 47 -7.75 8.14 17.40
CA CYS A 47 -8.05 9.15 16.37
C CYS A 47 -7.37 10.52 16.64
N PRO A 48 -6.91 11.23 15.59
CA PRO A 48 -6.19 12.50 15.72
C PRO A 48 -7.10 13.68 16.13
N PRO A 49 -6.53 14.79 16.63
CA PRO A 49 -7.24 16.04 16.96
C PRO A 49 -8.17 16.57 15.86
N GLY A 1 0.62 -18.94 -9.90
CA GLY A 1 1.69 -17.95 -10.15
C GLY A 1 2.96 -18.63 -10.62
N SER A 2 3.50 -18.20 -11.78
CA SER A 2 4.66 -18.81 -12.45
C SER A 2 5.71 -17.79 -12.92
N ALA A 3 5.59 -16.52 -12.51
CA ALA A 3 6.49 -15.41 -12.86
C ALA A 3 6.54 -14.34 -11.75
N SER A 4 7.49 -13.40 -11.87
CA SER A 4 7.72 -12.27 -10.95
C SER A 4 8.05 -10.99 -11.71
N CYS A 5 7.81 -9.82 -11.10
CA CYS A 5 7.97 -8.50 -11.74
C CYS A 5 8.53 -7.42 -10.77
N GLY A 6 9.14 -7.83 -9.66
CA GLY A 6 9.71 -6.96 -8.61
C GLY A 6 9.02 -7.12 -7.26
N VAL A 7 9.34 -6.22 -6.33
CA VAL A 7 8.73 -6.11 -5.00
C VAL A 7 8.41 -4.65 -4.65
N TRP A 8 7.53 -4.48 -3.66
CA TRP A 8 7.06 -3.19 -3.20
C TRP A 8 8.06 -2.42 -2.33
N ASP A 9 7.72 -1.15 -2.06
CA ASP A 9 8.47 -0.26 -1.16
C ASP A 9 7.72 -0.08 0.19
N GLU A 10 8.22 0.81 1.06
CA GLU A 10 7.57 1.16 2.33
C GLU A 10 6.14 1.72 2.12
N TRP A 11 5.24 1.37 3.03
CA TRP A 11 3.85 1.86 3.05
C TRP A 11 3.74 3.36 3.35
N SER A 12 2.54 3.88 3.12
CA SER A 12 2.10 5.25 3.42
C SER A 12 1.08 5.28 4.58
N PRO A 13 0.76 6.46 5.16
CA PRO A 13 -0.25 6.54 6.22
C PRO A 13 -1.66 6.28 5.70
N CYS A 14 -2.52 5.84 6.61
CA CYS A 14 -3.93 5.57 6.32
C CYS A 14 -4.74 6.88 6.11
N SER A 15 -5.90 6.75 5.46
CA SER A 15 -6.90 7.81 5.24
C SER A 15 -7.51 8.39 6.54
N VAL A 16 -7.30 7.73 7.69
CA VAL A 16 -7.70 8.15 9.05
C VAL A 16 -6.61 7.82 10.08
N THR A 17 -6.75 8.33 11.31
CA THR A 17 -5.79 8.14 12.43
C THR A 17 -6.50 7.85 13.78
N CYS A 18 -7.76 7.38 13.72
CA CYS A 18 -8.65 7.16 14.87
C CYS A 18 -9.48 5.85 14.80
N GLY A 19 -9.41 5.14 13.68
CA GLY A 19 -10.20 3.92 13.40
C GLY A 19 -9.76 3.20 12.12
N LYS A 20 -10.64 2.37 11.56
CA LYS A 20 -10.42 1.70 10.27
C LYS A 20 -10.57 2.66 9.09
N GLY A 21 -9.83 2.35 8.03
CA GLY A 21 -9.72 3.10 6.77
C GLY A 21 -8.92 2.32 5.73
N THR A 22 -8.16 3.00 4.86
CA THR A 22 -7.28 2.37 3.86
C THR A 22 -5.94 3.09 3.72
N ARG A 23 -4.89 2.35 3.33
CA ARG A 23 -3.53 2.86 3.05
C ARG A 23 -3.01 2.30 1.70
N SER A 24 -2.00 2.93 1.11
CA SER A 24 -1.49 2.57 -0.24
C SER A 24 0.04 2.57 -0.36
N ARG A 25 0.57 2.01 -1.45
CA ARG A 25 2.00 2.06 -1.83
C ARG A 25 2.19 1.89 -3.34
N LYS A 26 3.39 2.28 -3.80
CA LYS A 26 3.85 2.24 -5.20
C LYS A 26 5.16 1.43 -5.30
N ARG A 27 5.55 1.04 -6.53
CA ARG A 27 6.80 0.31 -6.79
C ARG A 27 7.36 0.54 -8.19
N GLU A 28 8.61 0.13 -8.40
CA GLU A 28 9.32 0.16 -9.69
C GLU A 28 9.28 -1.22 -10.37
N ILE A 29 8.18 -1.49 -11.07
CA ILE A 29 7.95 -2.71 -11.86
C ILE A 29 9.08 -3.02 -12.85
N LEU A 30 9.50 -4.28 -12.94
CA LEU A 30 10.58 -4.75 -13.83
C LEU A 30 10.17 -4.84 -15.31
N HIS A 31 8.87 -5.00 -15.59
CA HIS A 31 8.31 -5.19 -16.95
C HIS A 31 6.99 -4.41 -17.12
N GLU A 32 6.67 -4.01 -18.36
CA GLU A 32 5.42 -3.31 -18.68
C GLU A 32 4.19 -4.22 -18.49
N GLY A 33 3.09 -3.65 -17.97
CA GLY A 33 1.80 -4.33 -17.77
C GLY A 33 1.57 -4.83 -16.33
N CYS A 34 2.64 -4.97 -15.54
CA CYS A 34 2.59 -5.33 -14.12
C CYS A 34 1.95 -4.21 -13.28
N THR A 35 1.31 -4.57 -12.16
CA THR A 35 0.72 -3.61 -11.21
C THR A 35 1.82 -2.82 -10.50
N SER A 36 1.69 -1.49 -10.46
CA SER A 36 2.70 -0.57 -9.87
C SER A 36 2.15 0.32 -8.75
N GLU A 37 0.88 0.14 -8.36
CA GLU A 37 0.21 0.81 -7.24
C GLU A 37 -0.93 -0.05 -6.68
N ILE A 38 -1.01 -0.18 -5.35
CA ILE A 38 -2.02 -0.97 -4.61
C ILE A 38 -2.43 -0.28 -3.31
N GLN A 39 -3.46 -0.83 -2.66
CA GLN A 39 -3.95 -0.40 -1.34
C GLN A 39 -4.59 -1.56 -0.55
N GLU A 40 -4.77 -1.37 0.76
CA GLU A 40 -5.44 -2.31 1.66
C GLU A 40 -6.13 -1.62 2.85
N GLN A 41 -7.02 -2.34 3.54
CA GLN A 41 -7.68 -1.87 4.77
C GLN A 41 -6.65 -1.65 5.89
N CYS A 42 -6.83 -0.57 6.65
CA CYS A 42 -5.96 -0.18 7.77
C CYS A 42 -6.66 -0.31 9.14
N GLU A 43 -5.87 -0.17 10.20
CA GLU A 43 -6.33 -0.13 11.60
C GLU A 43 -5.46 0.88 12.37
N GLU A 44 -6.07 1.90 12.98
CA GLU A 44 -5.40 2.97 13.72
C GLU A 44 -6.10 3.27 15.05
N GLU A 45 -5.38 3.92 15.98
CA GLU A 45 -5.81 4.19 17.36
C GLU A 45 -5.14 5.49 17.90
N ARG A 46 -5.62 6.00 19.05
CA ARG A 46 -5.22 7.27 19.68
C ARG A 46 -5.43 8.49 18.77
N CYS A 47 -6.71 8.75 18.48
CA CYS A 47 -7.24 9.88 17.73
C CYS A 47 -6.57 11.24 18.04
N PRO A 48 -6.45 12.15 17.05
CA PRO A 48 -5.84 13.46 17.21
C PRO A 48 -6.71 14.42 18.06
N PRO A 49 -6.15 15.53 18.60
CA PRO A 49 -6.86 16.58 19.33
C PRO A 49 -8.12 17.12 18.62
N GLY A 1 -1.03 -17.65 -13.81
CA GLY A 1 0.21 -16.92 -13.44
C GLY A 1 1.39 -17.86 -13.32
N SER A 2 2.49 -17.55 -14.03
CA SER A 2 3.70 -18.40 -14.13
C SER A 2 5.03 -17.61 -14.12
N ALA A 3 4.99 -16.32 -13.79
CA ALA A 3 6.12 -15.39 -13.81
C ALA A 3 6.04 -14.31 -12.71
N SER A 4 7.02 -13.41 -12.66
CA SER A 4 7.10 -12.27 -11.74
C SER A 4 7.48 -10.97 -12.46
N CYS A 5 7.26 -9.82 -11.80
CA CYS A 5 7.45 -8.48 -12.38
C CYS A 5 8.07 -7.46 -11.38
N GLY A 6 8.70 -7.95 -10.31
CA GLY A 6 9.39 -7.15 -9.29
C GLY A 6 8.86 -7.39 -7.87
N VAL A 7 9.29 -6.53 -6.94
CA VAL A 7 8.83 -6.48 -5.54
C VAL A 7 8.59 -5.04 -5.07
N TRP A 8 7.81 -4.91 -4.00
CA TRP A 8 7.37 -3.62 -3.45
C TRP A 8 8.44 -2.86 -2.66
N ASP A 9 8.13 -1.61 -2.34
CA ASP A 9 8.94 -0.70 -1.50
C ASP A 9 8.34 -0.54 -0.09
N GLU A 10 8.81 0.45 0.68
CA GLU A 10 8.27 0.79 2.01
C GLU A 10 6.82 1.32 1.93
N TRP A 11 6.04 1.03 2.97
CA TRP A 11 4.65 1.47 3.11
C TRP A 11 4.47 2.97 3.39
N SER A 12 3.25 3.43 3.13
CA SER A 12 2.77 4.80 3.41
C SER A 12 2.00 4.83 4.77
N PRO A 13 1.80 6.00 5.38
CA PRO A 13 0.98 6.11 6.59
C PRO A 13 -0.50 5.78 6.33
N CYS A 14 -1.20 5.43 7.42
CA CYS A 14 -2.64 5.16 7.42
C CYS A 14 -3.47 6.41 7.06
N SER A 15 -4.60 6.23 6.37
CA SER A 15 -5.49 7.33 5.91
C SER A 15 -6.25 8.08 7.03
N VAL A 16 -6.17 7.62 8.28
CA VAL A 16 -6.91 8.14 9.45
C VAL A 16 -6.03 8.20 10.71
N THR A 17 -6.55 8.80 11.79
CA THR A 17 -5.88 8.92 13.12
C THR A 17 -6.90 8.81 14.27
N CYS A 18 -7.92 7.96 14.09
CA CYS A 18 -9.05 7.79 15.02
C CYS A 18 -9.67 6.37 15.04
N GLY A 19 -9.44 5.55 14.00
CA GLY A 19 -10.04 4.23 13.83
C GLY A 19 -9.47 3.45 12.65
N LYS A 20 -10.29 2.60 12.01
CA LYS A 20 -9.95 1.85 10.79
C LYS A 20 -9.92 2.76 9.55
N GLY A 21 -8.99 2.44 8.64
CA GLY A 21 -8.78 3.09 7.35
C GLY A 21 -7.99 2.20 6.39
N THR A 22 -7.26 2.79 5.43
CA THR A 22 -6.37 2.06 4.51
C THR A 22 -5.01 2.76 4.30
N ARG A 23 -3.97 1.96 4.03
CA ARG A 23 -2.61 2.40 3.65
C ARG A 23 -2.23 1.86 2.27
N SER A 24 -1.13 2.36 1.69
CA SER A 24 -0.73 2.01 0.31
C SER A 24 0.77 2.01 0.07
N ARG A 25 1.20 1.48 -1.08
CA ARG A 25 2.60 1.53 -1.57
C ARG A 25 2.66 1.37 -3.09
N LYS A 26 3.82 1.74 -3.65
CA LYS A 26 4.14 1.74 -5.09
C LYS A 26 5.49 1.07 -5.35
N ARG A 27 5.75 0.68 -6.60
CA ARG A 27 6.96 -0.07 -6.99
C ARG A 27 7.41 0.16 -8.43
N GLU A 28 8.67 -0.19 -8.70
CA GLU A 28 9.31 -0.12 -10.03
C GLU A 28 9.15 -1.45 -10.78
N ILE A 29 7.98 -1.63 -11.41
CA ILE A 29 7.64 -2.79 -12.25
C ILE A 29 8.69 -3.07 -13.34
N LEU A 30 9.07 -4.34 -13.49
CA LEU A 30 10.09 -4.79 -14.46
C LEU A 30 9.61 -4.77 -15.92
N HIS A 31 8.30 -4.85 -16.15
CA HIS A 31 7.65 -4.88 -17.47
C HIS A 31 6.35 -4.06 -17.48
N GLU A 32 5.92 -3.58 -18.65
CA GLU A 32 4.66 -2.85 -18.82
C GLU A 32 3.42 -3.74 -18.57
N GLY A 33 2.34 -3.15 -18.06
CA GLY A 33 1.05 -3.81 -17.79
C GLY A 33 0.94 -4.43 -16.39
N CYS A 34 2.05 -4.64 -15.69
CA CYS A 34 2.09 -5.12 -14.30
C CYS A 34 1.51 -4.10 -13.30
N THR A 35 0.97 -4.57 -12.18
CA THR A 35 0.47 -3.71 -11.09
C THR A 35 1.63 -2.97 -10.41
N SER A 36 1.51 -1.66 -10.25
CA SER A 36 2.54 -0.77 -9.68
C SER A 36 2.05 0.05 -8.48
N GLU A 37 0.82 -0.18 -8.02
CA GLU A 37 0.17 0.48 -6.88
C GLU A 37 -0.92 -0.41 -6.26
N ILE A 38 -0.92 -0.55 -4.92
CA ILE A 38 -1.87 -1.38 -4.15
C ILE A 38 -2.25 -0.70 -2.82
N GLN A 39 -3.25 -1.26 -2.13
CA GLN A 39 -3.71 -0.84 -0.81
C GLN A 39 -4.11 -2.03 0.10
N GLU A 40 -4.16 -1.76 1.41
CA GLU A 40 -4.66 -2.68 2.45
C GLU A 40 -5.21 -1.91 3.65
N GLN A 41 -5.98 -2.57 4.53
CA GLN A 41 -6.51 -1.94 5.75
C GLN A 41 -5.41 -1.52 6.74
N CYS A 42 -5.70 -0.49 7.54
CA CYS A 42 -4.83 0.02 8.60
C CYS A 42 -5.64 0.52 9.81
N GLU A 43 -4.95 0.72 10.95
CA GLU A 43 -5.49 1.27 12.19
C GLU A 43 -4.48 2.19 12.90
N GLU A 44 -4.97 3.12 13.71
CA GLU A 44 -4.15 4.10 14.47
C GLU A 44 -4.71 4.37 15.88
N GLU A 45 -3.98 5.17 16.66
CA GLU A 45 -4.31 5.62 18.03
C GLU A 45 -5.61 6.45 18.12
N ARG A 46 -6.00 6.81 19.36
CA ARG A 46 -7.21 7.59 19.69
C ARG A 46 -7.33 8.92 18.93
N CYS A 47 -8.58 9.30 18.66
CA CYS A 47 -8.99 10.47 17.87
C CYS A 47 -8.43 11.82 18.39
N PRO A 48 -8.21 12.81 17.50
CA PRO A 48 -7.79 14.16 17.90
C PRO A 48 -8.93 14.96 18.59
N PRO A 49 -8.61 16.08 19.28
CA PRO A 49 -9.57 17.01 19.89
C PRO A 49 -10.75 17.43 18.99
N GLY A 1 5.06 -18.47 -7.47
CA GLY A 1 4.86 -17.31 -8.36
C GLY A 1 5.93 -17.23 -9.44
N SER A 2 5.54 -16.87 -10.66
CA SER A 2 6.40 -16.85 -11.86
C SER A 2 6.25 -15.59 -12.75
N ALA A 3 5.43 -14.62 -12.32
CA ALA A 3 5.13 -13.38 -13.05
C ALA A 3 4.95 -12.17 -12.09
N SER A 4 5.65 -12.18 -10.94
CA SER A 4 5.56 -11.17 -9.87
C SER A 4 5.85 -9.74 -10.32
N CYS A 5 6.66 -9.56 -11.38
CA CYS A 5 7.01 -8.28 -12.00
C CYS A 5 7.70 -7.29 -11.04
N GLY A 6 8.37 -7.80 -10.00
CA GLY A 6 9.09 -7.04 -8.97
C GLY A 6 8.56 -7.31 -7.56
N VAL A 7 8.94 -6.44 -6.61
CA VAL A 7 8.45 -6.43 -5.22
C VAL A 7 8.22 -4.99 -4.74
N TRP A 8 7.41 -4.86 -3.70
CA TRP A 8 6.97 -3.59 -3.13
C TRP A 8 8.01 -2.85 -2.28
N ASP A 9 7.70 -1.59 -1.98
CA ASP A 9 8.48 -0.71 -1.11
C ASP A 9 7.80 -0.53 0.28
N GLU A 10 8.23 0.44 1.09
CA GLU A 10 7.63 0.79 2.37
C GLU A 10 6.19 1.32 2.21
N TRP A 11 5.36 1.07 3.22
CA TRP A 11 3.97 1.53 3.30
C TRP A 11 3.82 3.04 3.56
N SER A 12 2.60 3.51 3.32
CA SER A 12 2.12 4.88 3.56
C SER A 12 1.15 4.93 4.75
N PRO A 13 0.84 6.12 5.32
CA PRO A 13 -0.17 6.22 6.38
C PRO A 13 -1.59 5.92 5.86
N CYS A 14 -2.49 5.63 6.81
CA CYS A 14 -3.89 5.34 6.52
C CYS A 14 -4.69 6.58 6.05
N SER A 15 -5.81 6.35 5.36
CA SER A 15 -6.73 7.35 4.82
C SER A 15 -7.44 8.24 5.85
N VAL A 16 -7.48 7.84 7.14
CA VAL A 16 -8.22 8.55 8.21
C VAL A 16 -7.44 8.87 9.50
N THR A 17 -6.28 8.22 9.70
CA THR A 17 -5.39 8.35 10.90
C THR A 17 -6.11 8.49 12.26
N CYS A 18 -7.21 7.74 12.45
CA CYS A 18 -8.09 7.82 13.63
C CYS A 18 -8.76 6.47 14.01
N GLY A 19 -8.63 5.45 13.16
CA GLY A 19 -9.27 4.14 13.30
C GLY A 19 -9.13 3.32 12.01
N LYS A 20 -10.00 2.32 11.83
CA LYS A 20 -10.09 1.51 10.59
C LYS A 20 -10.33 2.39 9.36
N GLY A 21 -9.65 2.02 8.29
CA GLY A 21 -9.58 2.70 6.99
C GLY A 21 -8.71 1.89 6.03
N THR A 22 -8.04 2.53 5.07
CA THR A 22 -7.08 1.85 4.16
C THR A 22 -5.77 2.60 4.00
N ARG A 23 -4.70 1.88 3.68
CA ARG A 23 -3.35 2.44 3.38
C ARG A 23 -2.83 1.90 2.04
N SER A 24 -1.76 2.49 1.51
CA SER A 24 -1.24 2.16 0.16
C SER A 24 0.28 2.16 0.05
N ARG A 25 0.79 1.63 -1.07
CA ARG A 25 2.21 1.67 -1.47
C ARG A 25 2.37 1.54 -2.99
N LYS A 26 3.55 1.91 -3.48
CA LYS A 26 3.97 1.91 -4.88
C LYS A 26 5.26 1.13 -5.07
N ARG A 27 5.60 0.78 -6.31
CA ARG A 27 6.80 -0.01 -6.65
C ARG A 27 7.35 0.24 -8.06
N GLU A 28 8.59 -0.19 -8.28
CA GLU A 28 9.29 -0.11 -9.57
C GLU A 28 9.08 -1.41 -10.37
N ILE A 29 7.96 -1.49 -11.08
CA ILE A 29 7.58 -2.62 -11.96
C ILE A 29 8.67 -2.97 -13.00
N LEU A 30 8.99 -4.27 -13.10
CA LEU A 30 10.02 -4.80 -14.02
C LEU A 30 9.63 -4.72 -15.51
N HIS A 31 8.32 -4.72 -15.81
CA HIS A 31 7.77 -4.70 -17.16
C HIS A 31 6.56 -3.74 -17.24
N GLU A 32 6.33 -3.15 -18.43
CA GLU A 32 5.16 -2.28 -18.67
C GLU A 32 3.82 -3.06 -18.58
N GLY A 33 2.82 -2.45 -17.96
CA GLY A 33 1.45 -2.99 -17.83
C GLY A 33 1.17 -3.71 -16.50
N CYS A 34 2.21 -4.05 -15.73
CA CYS A 34 2.10 -4.63 -14.39
C CYS A 34 1.48 -3.66 -13.37
N THR A 35 0.89 -4.19 -12.30
CA THR A 35 0.37 -3.38 -11.18
C THR A 35 1.51 -2.69 -10.44
N SER A 36 1.40 -1.37 -10.25
CA SER A 36 2.43 -0.52 -9.63
C SER A 36 1.93 0.25 -8.41
N GLU A 37 0.67 0.02 -7.99
CA GLU A 37 0.03 0.61 -6.81
C GLU A 37 -1.09 -0.31 -6.28
N ILE A 38 -1.17 -0.49 -4.95
CA ILE A 38 -2.16 -1.32 -4.25
C ILE A 38 -2.61 -0.68 -2.93
N GLN A 39 -3.62 -1.27 -2.28
CA GLN A 39 -4.13 -0.90 -0.97
C GLN A 39 -4.50 -2.10 -0.09
N GLU A 40 -4.60 -1.86 1.22
CA GLU A 40 -5.09 -2.82 2.24
C GLU A 40 -5.75 -2.10 3.42
N GLN A 41 -6.53 -2.83 4.24
CA GLN A 41 -7.14 -2.31 5.47
C GLN A 41 -6.06 -1.92 6.50
N CYS A 42 -6.27 -0.79 7.21
CA CYS A 42 -5.35 -0.26 8.22
C CYS A 42 -5.83 -0.50 9.67
N GLU A 43 -4.98 -0.17 10.65
CA GLU A 43 -5.20 -0.42 12.09
C GLU A 43 -4.68 0.71 13.00
N GLU A 44 -4.64 1.95 12.50
CA GLU A 44 -4.11 3.12 13.20
C GLU A 44 -4.83 3.47 14.52
N GLU A 45 -4.12 4.17 15.41
CA GLU A 45 -4.63 4.70 16.69
C GLU A 45 -5.67 5.83 16.52
N ARG A 46 -6.28 6.26 17.63
CA ARG A 46 -7.27 7.35 17.71
C ARG A 46 -6.79 8.69 17.13
N CYS A 47 -7.75 9.58 16.83
CA CYS A 47 -7.53 10.92 16.24
C CYS A 47 -6.50 11.77 17.03
N PRO A 48 -5.81 12.71 16.36
CA PRO A 48 -4.85 13.62 16.98
C PRO A 48 -5.55 14.69 17.87
N PRO A 49 -4.81 15.30 18.82
CA PRO A 49 -5.34 16.35 19.70
C PRO A 49 -5.67 17.66 18.94
N GLY A 1 3.64 -17.90 -20.90
CA GLY A 1 4.21 -16.56 -20.71
C GLY A 1 4.06 -16.09 -19.28
N SER A 2 5.18 -15.77 -18.62
CA SER A 2 5.26 -15.39 -17.19
C SER A 2 6.32 -14.31 -16.94
N ALA A 3 6.25 -13.68 -15.76
CA ALA A 3 7.19 -12.62 -15.32
C ALA A 3 7.43 -12.67 -13.80
N SER A 4 8.64 -12.31 -13.38
CA SER A 4 9.04 -12.25 -11.95
C SER A 4 8.43 -11.07 -11.19
N CYS A 5 8.04 -10.00 -11.89
CA CYS A 5 7.41 -8.74 -11.44
C CYS A 5 8.13 -7.88 -10.39
N GLY A 6 8.82 -8.46 -9.40
CA GLY A 6 9.46 -7.76 -8.28
C GLY A 6 8.69 -7.87 -6.97
N VAL A 7 9.07 -7.05 -5.98
CA VAL A 7 8.40 -6.92 -4.66
C VAL A 7 8.18 -5.47 -4.27
N TRP A 8 7.27 -5.26 -3.31
CA TRP A 8 6.87 -3.95 -2.80
C TRP A 8 7.93 -3.26 -1.92
N ASP A 9 7.68 -1.98 -1.63
CA ASP A 9 8.46 -1.15 -0.71
C ASP A 9 7.73 -0.91 0.63
N GLU A 10 8.27 -0.06 1.50
CA GLU A 10 7.63 0.34 2.76
C GLU A 10 6.26 1.02 2.56
N TRP A 11 5.37 0.84 3.55
CA TRP A 11 4.01 1.38 3.55
C TRP A 11 3.93 2.89 3.83
N SER A 12 2.75 3.44 3.56
CA SER A 12 2.35 4.83 3.83
C SER A 12 1.37 4.91 5.03
N PRO A 13 1.15 6.09 5.65
CA PRO A 13 0.15 6.25 6.71
C PRO A 13 -1.28 6.09 6.18
N CYS A 14 -2.22 5.91 7.11
CA CYS A 14 -3.65 5.80 6.83
C CYS A 14 -4.26 7.12 6.30
N SER A 15 -5.37 7.01 5.56
CA SER A 15 -6.18 8.13 5.05
C SER A 15 -6.94 8.93 6.14
N VAL A 16 -7.04 8.39 7.37
CA VAL A 16 -7.61 9.04 8.56
C VAL A 16 -6.76 8.80 9.81
N THR A 17 -7.00 9.56 10.87
CA THR A 17 -6.25 9.53 12.15
C THR A 17 -6.59 8.35 13.07
N CYS A 18 -7.11 7.24 12.52
CA CYS A 18 -7.59 6.07 13.24
C CYS A 18 -7.64 4.83 12.33
N GLY A 19 -7.81 3.63 12.88
CA GLY A 19 -7.96 2.36 12.12
C GLY A 19 -9.33 2.19 11.43
N LYS A 20 -9.81 3.24 10.75
CA LYS A 20 -11.15 3.36 10.12
C LYS A 20 -11.07 3.88 8.67
N GLY A 21 -9.94 3.60 8.01
CA GLY A 21 -9.58 4.03 6.66
C GLY A 21 -8.63 3.06 5.96
N THR A 22 -7.90 3.54 4.95
CA THR A 22 -7.00 2.73 4.11
C THR A 22 -5.59 3.32 4.03
N ARG A 23 -4.62 2.49 3.68
CA ARG A 23 -3.21 2.88 3.42
C ARG A 23 -2.73 2.32 2.10
N SER A 24 -1.59 2.80 1.60
CA SER A 24 -1.07 2.43 0.27
C SER A 24 0.46 2.31 0.20
N ARG A 25 0.94 1.74 -0.92
CA ARG A 25 2.35 1.67 -1.30
C ARG A 25 2.50 1.49 -2.81
N LYS A 26 3.70 1.79 -3.31
CA LYS A 26 4.10 1.69 -4.71
C LYS A 26 5.31 0.76 -4.86
N ARG A 27 5.61 0.33 -6.10
CA ARG A 27 6.79 -0.49 -6.41
C ARG A 27 7.32 -0.31 -7.82
N GLU A 28 8.61 -0.63 -8.00
CA GLU A 28 9.33 -0.55 -9.28
C GLU A 28 9.21 -1.88 -10.06
N ILE A 29 8.03 -2.09 -10.66
CA ILE A 29 7.71 -3.29 -11.46
C ILE A 29 8.74 -3.60 -12.57
N LEU A 30 9.13 -4.88 -12.65
CA LEU A 30 10.10 -5.38 -13.65
C LEU A 30 9.53 -5.46 -15.08
N HIS A 31 8.21 -5.64 -15.22
CA HIS A 31 7.49 -5.81 -16.49
C HIS A 31 6.10 -5.17 -16.44
N GLU A 32 5.51 -4.90 -17.62
CA GLU A 32 4.14 -4.36 -17.74
C GLU A 32 3.07 -5.34 -17.20
N GLY A 33 1.98 -4.80 -16.65
CA GLY A 33 0.83 -5.57 -16.12
C GLY A 33 1.02 -6.10 -14.69
N CYS A 34 2.21 -5.96 -14.10
CA CYS A 34 2.56 -6.46 -12.77
C CYS A 34 1.94 -5.70 -11.58
N THR A 35 1.27 -4.57 -11.83
CA THR A 35 0.70 -3.62 -10.85
C THR A 35 1.76 -2.95 -9.98
N SER A 36 1.77 -1.61 -9.99
CA SER A 36 2.76 -0.74 -9.34
C SER A 36 2.19 0.11 -8.20
N GLU A 37 0.91 -0.04 -7.85
CA GLU A 37 0.24 0.64 -6.73
C GLU A 37 -0.96 -0.18 -6.20
N ILE A 38 -1.11 -0.29 -4.89
CA ILE A 38 -2.19 -1.02 -4.19
C ILE A 38 -2.64 -0.29 -2.91
N GLN A 39 -3.74 -0.78 -2.31
CA GLN A 39 -4.28 -0.32 -1.02
C GLN A 39 -4.85 -1.47 -0.17
N GLU A 40 -4.98 -1.22 1.14
CA GLU A 40 -5.62 -2.11 2.12
C GLU A 40 -6.19 -1.31 3.31
N GLN A 41 -7.07 -1.92 4.11
CA GLN A 41 -7.58 -1.31 5.35
C GLN A 41 -6.43 -1.12 6.36
N CYS A 42 -6.30 0.08 6.93
CA CYS A 42 -5.21 0.45 7.82
C CYS A 42 -5.44 -0.03 9.29
N GLU A 43 -4.41 0.13 10.13
CA GLU A 43 -4.41 -0.24 11.56
C GLU A 43 -3.83 0.91 12.42
N GLU A 44 -4.09 2.15 11.98
CA GLU A 44 -3.56 3.40 12.56
C GLU A 44 -4.04 3.67 14.00
N GLU A 45 -3.26 4.42 14.76
CA GLU A 45 -3.48 4.70 16.20
C GLU A 45 -3.91 6.15 16.50
N ARG A 46 -4.23 6.43 17.77
CA ARG A 46 -4.57 7.75 18.33
C ARG A 46 -5.84 8.41 17.74
N CYS A 47 -6.88 7.58 17.54
CA CYS A 47 -8.22 7.97 17.13
C CYS A 47 -8.80 9.21 17.85
N PRO A 48 -9.64 10.02 17.17
CA PRO A 48 -10.24 11.22 17.74
C PRO A 48 -11.33 10.91 18.80
N PRO A 49 -11.65 11.86 19.70
CA PRO A 49 -12.71 11.71 20.72
C PRO A 49 -14.13 11.66 20.11
N GLY A 1 12.30 -21.03 -17.97
CA GLY A 1 12.43 -20.57 -16.58
C GLY A 1 11.14 -19.92 -16.10
N SER A 2 11.24 -18.75 -15.47
CA SER A 2 10.11 -17.97 -14.91
C SER A 2 10.39 -16.46 -14.85
N ALA A 3 9.36 -15.66 -14.56
CA ALA A 3 9.42 -14.21 -14.41
C ALA A 3 8.42 -13.69 -13.34
N SER A 4 8.57 -12.43 -12.93
CA SER A 4 7.72 -11.76 -11.93
C SER A 4 7.69 -10.25 -12.13
N CYS A 5 6.61 -9.60 -11.67
CA CYS A 5 6.45 -8.14 -11.66
C CYS A 5 7.37 -7.41 -10.67
N GLY A 6 7.91 -8.11 -9.66
CA GLY A 6 8.76 -7.55 -8.60
C GLY A 6 8.11 -7.63 -7.22
N VAL A 7 8.58 -6.80 -6.29
CA VAL A 7 8.03 -6.63 -4.92
C VAL A 7 7.82 -5.16 -4.58
N TRP A 8 6.99 -4.92 -3.56
CA TRP A 8 6.57 -3.59 -3.11
C TRP A 8 7.61 -2.85 -2.24
N ASP A 9 7.29 -1.59 -1.96
CA ASP A 9 8.08 -0.71 -1.07
C ASP A 9 7.37 -0.52 0.29
N GLU A 10 7.81 0.44 1.11
CA GLU A 10 7.15 0.80 2.37
C GLU A 10 5.75 1.40 2.17
N TRP A 11 4.94 1.29 3.21
CA TRP A 11 3.55 1.77 3.24
C TRP A 11 3.43 3.28 3.46
N SER A 12 2.24 3.79 3.14
CA SER A 12 1.80 5.18 3.33
C SER A 12 0.82 5.27 4.53
N PRO A 13 0.54 6.46 5.08
CA PRO A 13 -0.46 6.62 6.13
C PRO A 13 -1.88 6.33 5.61
N CYS A 14 -2.78 5.99 6.54
CA CYS A 14 -4.17 5.72 6.26
C CYS A 14 -4.97 6.99 5.85
N SER A 15 -6.12 6.78 5.20
CA SER A 15 -7.11 7.80 4.81
C SER A 15 -7.76 8.55 5.99
N VAL A 16 -7.56 8.05 7.21
CA VAL A 16 -7.99 8.65 8.49
C VAL A 16 -6.88 8.53 9.54
N THR A 17 -7.06 9.19 10.69
CA THR A 17 -6.05 9.27 11.77
C THR A 17 -6.61 8.92 13.16
N CYS A 18 -7.84 8.41 13.25
CA CYS A 18 -8.55 8.16 14.52
C CYS A 18 -9.37 6.85 14.58
N GLY A 19 -9.39 6.07 13.48
CA GLY A 19 -10.17 4.83 13.37
C GLY A 19 -9.79 3.97 12.16
N LYS A 20 -10.68 3.05 11.76
CA LYS A 20 -10.55 2.23 10.55
C LYS A 20 -10.75 3.05 9.27
N GLY A 21 -10.06 2.62 8.23
CA GLY A 21 -9.98 3.26 6.90
C GLY A 21 -9.17 2.40 5.93
N THR A 22 -8.46 3.01 4.98
CA THR A 22 -7.54 2.31 4.06
C THR A 22 -6.20 3.04 3.90
N ARG A 23 -5.12 2.28 3.65
CA ARG A 23 -3.76 2.79 3.35
C ARG A 23 -3.26 2.25 2.01
N SER A 24 -2.14 2.77 1.49
CA SER A 24 -1.64 2.42 0.15
C SER A 24 -0.11 2.38 0.01
N ARG A 25 0.38 1.82 -1.09
CA ARG A 25 1.80 1.81 -1.50
C ARG A 25 1.96 1.66 -3.01
N LYS A 26 3.16 1.97 -3.50
CA LYS A 26 3.59 1.95 -4.90
C LYS A 26 4.94 1.25 -5.06
N ARG A 27 5.28 0.84 -6.28
CA ARG A 27 6.49 0.05 -6.56
C ARG A 27 7.07 0.26 -7.97
N GLU A 28 8.33 -0.08 -8.12
CA GLU A 28 9.08 -0.04 -9.40
C GLU A 28 8.94 -1.38 -10.15
N ILE A 29 7.81 -1.55 -10.83
CA ILE A 29 7.48 -2.73 -11.64
C ILE A 29 8.58 -3.11 -12.65
N LEU A 30 8.96 -4.39 -12.67
CA LEU A 30 10.03 -4.94 -13.51
C LEU A 30 9.65 -5.07 -14.99
N HIS A 31 8.35 -5.14 -15.31
CA HIS A 31 7.80 -5.25 -16.67
C HIS A 31 6.50 -4.43 -16.81
N GLU A 32 6.14 -4.11 -18.05
CA GLU A 32 4.87 -3.44 -18.39
C GLU A 32 3.62 -4.31 -18.09
N GLY A 33 2.47 -3.66 -17.92
CA GLY A 33 1.18 -4.30 -17.62
C GLY A 33 0.98 -4.70 -16.15
N CYS A 34 2.06 -4.86 -15.38
CA CYS A 34 2.06 -5.14 -13.95
C CYS A 34 1.41 -4.00 -13.13
N THR A 35 0.74 -4.36 -12.02
CA THR A 35 0.17 -3.40 -11.07
C THR A 35 1.29 -2.69 -10.31
N SER A 36 1.20 -1.36 -10.19
CA SER A 36 2.21 -0.49 -9.56
C SER A 36 1.65 0.39 -8.42
N GLU A 37 0.38 0.20 -8.06
CA GLU A 37 -0.33 0.92 -6.99
C GLU A 37 -1.49 0.07 -6.42
N ILE A 38 -1.56 -0.08 -5.09
CA ILE A 38 -2.56 -0.90 -4.38
C ILE A 38 -3.01 -0.26 -3.06
N GLN A 39 -4.03 -0.84 -2.43
CA GLN A 39 -4.53 -0.44 -1.10
C GLN A 39 -4.95 -1.65 -0.24
N GLU A 40 -5.07 -1.43 1.06
CA GLU A 40 -5.60 -2.37 2.06
C GLU A 40 -6.25 -1.62 3.23
N GLN A 41 -7.04 -2.32 4.06
CA GLN A 41 -7.64 -1.72 5.27
C GLN A 41 -6.60 -1.33 6.33
N CYS A 42 -6.94 -0.33 7.13
CA CYS A 42 -6.16 0.16 8.27
C CYS A 42 -6.98 0.11 9.58
N GLU A 43 -6.32 0.34 10.72
CA GLU A 43 -6.92 0.35 12.07
C GLU A 43 -6.11 1.27 13.02
N GLU A 44 -6.26 2.60 12.88
CA GLU A 44 -5.63 3.57 13.78
C GLU A 44 -6.25 3.49 15.20
N GLU A 45 -5.41 3.48 16.23
CA GLU A 45 -5.84 3.29 17.63
C GLU A 45 -6.73 4.44 18.17
N ARG A 46 -6.29 5.70 17.97
CA ARG A 46 -6.92 6.92 18.47
C ARG A 46 -6.43 8.17 17.73
N CYS A 47 -7.16 9.28 17.88
CA CYS A 47 -6.84 10.59 17.28
C CYS A 47 -5.44 11.11 17.65
N PRO A 48 -4.83 12.01 16.83
CA PRO A 48 -3.55 12.65 17.14
C PRO A 48 -3.51 13.38 18.50
N PRO A 49 -2.32 13.52 19.13
CA PRO A 49 -2.14 14.21 20.41
C PRO A 49 -2.40 15.73 20.32
N GLY A 1 16.76 -13.76 -17.16
CA GLY A 1 16.05 -12.49 -16.85
C GLY A 1 14.95 -12.71 -15.82
N SER A 2 13.77 -12.14 -16.05
CA SER A 2 12.61 -12.16 -15.14
C SER A 2 11.28 -12.28 -15.90
N ALA A 3 10.24 -12.80 -15.22
CA ALA A 3 8.92 -13.06 -15.79
C ALA A 3 7.77 -12.91 -14.76
N SER A 4 7.99 -12.20 -13.64
CA SER A 4 7.03 -12.10 -12.52
C SER A 4 6.79 -10.68 -11.97
N CYS A 5 7.24 -9.63 -12.68
CA CYS A 5 7.08 -8.21 -12.28
C CYS A 5 7.68 -7.81 -10.91
N GLY A 6 8.62 -8.60 -10.37
CA GLY A 6 9.34 -8.27 -9.13
C GLY A 6 8.49 -8.33 -7.87
N VAL A 7 8.88 -7.53 -6.88
CA VAL A 7 8.23 -7.40 -5.55
C VAL A 7 7.98 -5.93 -5.17
N TRP A 8 7.11 -5.74 -4.19
CA TRP A 8 6.71 -4.43 -3.66
C TRP A 8 7.81 -3.71 -2.87
N ASP A 9 7.55 -2.44 -2.56
CA ASP A 9 8.41 -1.60 -1.71
C ASP A 9 7.83 -1.45 -0.28
N GLU A 10 8.37 -0.53 0.52
CA GLU A 10 7.87 -0.19 1.86
C GLU A 10 6.45 0.43 1.79
N TRP A 11 5.66 0.18 2.82
CA TRP A 11 4.33 0.75 3.01
C TRP A 11 4.35 2.25 3.34
N SER A 12 3.16 2.85 3.26
CA SER A 12 2.86 4.25 3.60
C SER A 12 1.89 4.31 4.81
N PRO A 13 1.67 5.47 5.45
CA PRO A 13 0.82 5.57 6.65
C PRO A 13 -0.68 5.39 6.34
N CYS A 14 -1.44 5.11 7.39
CA CYS A 14 -2.90 4.98 7.35
C CYS A 14 -3.61 6.28 6.89
N SER A 15 -4.73 6.15 6.18
CA SER A 15 -5.50 7.30 5.63
C SER A 15 -6.18 8.20 6.68
N VAL A 16 -6.17 7.81 7.96
CA VAL A 16 -6.80 8.53 9.08
C VAL A 16 -5.91 8.53 10.34
N THR A 17 -6.28 9.33 11.33
CA THR A 17 -5.56 9.51 12.62
C THR A 17 -6.52 9.45 13.83
N CYS A 18 -7.67 8.78 13.66
CA CYS A 18 -8.75 8.71 14.67
C CYS A 18 -9.46 7.34 14.79
N GLY A 19 -9.17 6.38 13.89
CA GLY A 19 -9.83 5.08 13.82
C GLY A 19 -9.31 4.19 12.68
N LYS A 20 -10.18 3.35 12.11
CA LYS A 20 -9.87 2.52 10.93
C LYS A 20 -9.92 3.31 9.62
N GLY A 21 -9.13 2.85 8.66
CA GLY A 21 -8.98 3.39 7.31
C GLY A 21 -8.29 2.39 6.37
N THR A 22 -7.57 2.89 5.36
CA THR A 22 -6.73 2.08 4.45
C THR A 22 -5.34 2.68 4.22
N ARG A 23 -4.33 1.82 4.05
CA ARG A 23 -2.95 2.19 3.69
C ARG A 23 -2.58 1.63 2.31
N SER A 24 -1.47 2.10 1.73
CA SER A 24 -1.07 1.74 0.36
C SER A 24 0.43 1.66 0.13
N ARG A 25 0.83 1.09 -1.02
CA ARG A 25 2.22 1.04 -1.51
C ARG A 25 2.26 0.95 -3.04
N LYS A 26 3.43 1.26 -3.60
CA LYS A 26 3.75 1.26 -5.03
C LYS A 26 4.97 0.39 -5.32
N ARG A 27 5.17 0.03 -6.60
CA ARG A 27 6.33 -0.75 -7.04
C ARG A 27 6.72 -0.46 -8.50
N GLU A 28 7.96 -0.83 -8.86
CA GLU A 28 8.52 -0.66 -10.20
C GLU A 28 8.34 -1.95 -11.03
N ILE A 29 7.14 -2.11 -11.60
CA ILE A 29 6.78 -3.26 -12.45
C ILE A 29 7.77 -3.48 -13.61
N LEU A 30 8.21 -4.74 -13.79
CA LEU A 30 9.18 -5.12 -14.81
C LEU A 30 8.56 -5.26 -16.21
N HIS A 31 7.24 -5.48 -16.31
CA HIS A 31 6.50 -5.73 -17.55
C HIS A 31 5.17 -4.97 -17.55
N GLU A 32 4.70 -4.55 -18.73
CA GLU A 32 3.43 -3.84 -18.91
C GLU A 32 2.21 -4.74 -18.59
N GLY A 33 1.18 -4.17 -17.96
CA GLY A 33 -0.08 -4.86 -17.58
C GLY A 33 -0.14 -5.30 -16.13
N CYS A 34 1.01 -5.45 -15.46
CA CYS A 34 1.13 -5.75 -14.04
C CYS A 34 0.61 -4.61 -13.14
N THR A 35 0.07 -4.97 -11.97
CA THR A 35 -0.38 -4.00 -10.94
C THR A 35 0.83 -3.30 -10.31
N SER A 36 0.78 -1.98 -10.20
CA SER A 36 1.87 -1.13 -9.69
C SER A 36 1.50 -0.29 -8.46
N GLU A 37 0.25 -0.41 -7.97
CA GLU A 37 -0.27 0.23 -6.75
C GLU A 37 -1.43 -0.60 -6.16
N ILE A 38 -1.43 -0.80 -4.84
CA ILE A 38 -2.44 -1.57 -4.09
C ILE A 38 -2.76 -0.91 -2.74
N GLN A 39 -3.81 -1.41 -2.06
CA GLN A 39 -4.21 -0.97 -0.72
C GLN A 39 -4.68 -2.14 0.18
N GLU A 40 -4.74 -1.89 1.48
CA GLU A 40 -5.28 -2.79 2.52
C GLU A 40 -5.80 -1.97 3.72
N GLN A 41 -6.61 -2.58 4.60
CA GLN A 41 -7.09 -1.93 5.83
C GLN A 41 -5.95 -1.57 6.81
N CYS A 42 -6.17 -0.50 7.57
CA CYS A 42 -5.29 -0.02 8.64
C CYS A 42 -6.11 0.54 9.83
N GLU A 43 -5.44 0.82 10.96
CA GLU A 43 -6.04 1.39 12.17
C GLU A 43 -5.02 2.26 12.93
N GLU A 44 -5.52 3.34 13.55
CA GLU A 44 -4.76 4.26 14.42
C GLU A 44 -5.52 4.58 15.72
N GLU A 45 -4.83 5.25 16.66
CA GLU A 45 -5.40 5.75 17.92
C GLU A 45 -6.49 6.83 17.70
N ARG A 46 -7.18 7.23 18.79
CA ARG A 46 -8.20 8.30 18.79
C ARG A 46 -7.67 9.66 18.28
N CYS A 47 -8.59 10.54 17.88
CA CYS A 47 -8.32 11.85 17.29
C CYS A 47 -7.34 12.72 18.11
N PRO A 48 -6.49 13.54 17.46
CA PRO A 48 -5.60 14.50 18.13
C PRO A 48 -6.32 15.46 19.11
N PRO A 49 -5.63 15.98 20.15
CA PRO A 49 -6.19 16.93 21.11
C PRO A 49 -6.53 18.31 20.49
N GLY A 1 1.54 -20.77 -15.40
CA GLY A 1 2.43 -20.30 -14.31
C GLY A 1 2.65 -18.80 -14.37
N SER A 2 3.81 -18.34 -13.91
CA SER A 2 4.24 -16.92 -13.92
C SER A 2 5.77 -16.76 -13.94
N ALA A 3 6.25 -15.53 -14.14
CA ALA A 3 7.68 -15.18 -14.25
C ALA A 3 8.11 -13.97 -13.39
N SER A 4 7.21 -13.46 -12.53
CA SER A 4 7.35 -12.24 -11.71
C SER A 4 7.57 -10.94 -12.51
N CYS A 5 7.47 -9.79 -11.83
CA CYS A 5 7.57 -8.45 -12.45
C CYS A 5 8.21 -7.39 -11.52
N GLY A 6 8.94 -7.82 -10.49
CA GLY A 6 9.56 -6.98 -9.46
C GLY A 6 8.99 -7.23 -8.06
N VAL A 7 9.37 -6.38 -7.11
CA VAL A 7 8.87 -6.37 -5.72
C VAL A 7 8.61 -4.94 -5.23
N TRP A 8 7.82 -4.84 -4.16
CA TRP A 8 7.36 -3.58 -3.58
C TRP A 8 8.43 -2.82 -2.77
N ASP A 9 8.11 -1.57 -2.46
CA ASP A 9 8.91 -0.68 -1.62
C ASP A 9 8.33 -0.56 -0.19
N GLU A 10 8.82 0.38 0.61
CA GLU A 10 8.29 0.69 1.94
C GLU A 10 6.84 1.21 1.90
N TRP A 11 6.07 0.87 2.93
CA TRP A 11 4.69 1.30 3.11
C TRP A 11 4.53 2.80 3.44
N SER A 12 3.31 3.26 3.25
CA SER A 12 2.82 4.61 3.59
C SER A 12 2.00 4.56 4.89
N PRO A 13 1.77 5.70 5.59
CA PRO A 13 0.91 5.73 6.77
C PRO A 13 -0.56 5.41 6.43
N CYS A 14 -1.32 5.02 7.45
CA CYS A 14 -2.76 4.77 7.36
C CYS A 14 -3.53 6.06 6.95
N SER A 15 -4.65 5.93 6.25
CA SER A 15 -5.45 7.07 5.74
C SER A 15 -6.17 7.90 6.81
N VAL A 16 -6.19 7.44 8.07
CA VAL A 16 -6.91 8.07 9.20
C VAL A 16 -6.09 8.03 10.50
N THR A 17 -6.53 8.79 11.50
CA THR A 17 -5.95 8.89 12.86
C THR A 17 -7.04 8.86 13.95
N CYS A 18 -8.17 8.20 13.65
CA CYS A 18 -9.39 8.16 14.48
C CYS A 18 -10.11 6.78 14.49
N GLY A 19 -9.63 5.82 13.68
CA GLY A 19 -10.24 4.49 13.51
C GLY A 19 -9.55 3.63 12.45
N LYS A 20 -10.32 2.78 11.76
CA LYS A 20 -9.86 1.96 10.63
C LYS A 20 -9.88 2.75 9.32
N GLY A 21 -8.98 2.36 8.42
CA GLY A 21 -8.74 2.99 7.11
C GLY A 21 -7.96 2.07 6.16
N THR A 22 -7.24 2.66 5.21
CA THR A 22 -6.39 1.93 4.24
C THR A 22 -5.02 2.60 4.00
N ARG A 23 -3.94 1.81 4.08
CA ARG A 23 -2.56 2.22 3.75
C ARG A 23 -2.22 1.83 2.30
N SER A 24 -1.08 2.27 1.76
CA SER A 24 -0.70 1.98 0.37
C SER A 24 0.81 2.00 0.11
N ARG A 25 1.23 1.51 -1.06
CA ARG A 25 2.61 1.57 -1.58
C ARG A 25 2.67 1.47 -3.10
N LYS A 26 3.82 1.84 -3.65
CA LYS A 26 4.16 1.88 -5.09
C LYS A 26 5.45 1.11 -5.36
N ARG A 27 5.71 0.78 -6.63
CA ARG A 27 6.91 0.03 -7.06
C ARG A 27 7.35 0.30 -8.50
N GLU A 28 8.54 -0.16 -8.85
CA GLU A 28 9.16 -0.03 -10.18
C GLU A 28 9.01 -1.33 -10.98
N ILE A 29 7.82 -1.54 -11.55
CA ILE A 29 7.46 -2.67 -12.41
C ILE A 29 8.46 -2.93 -13.56
N LEU A 30 8.83 -4.20 -13.76
CA LEU A 30 9.79 -4.62 -14.79
C LEU A 30 9.19 -4.63 -16.21
N HIS A 31 7.87 -4.72 -16.35
CA HIS A 31 7.13 -4.72 -17.62
C HIS A 31 5.83 -3.90 -17.53
N GLU A 32 5.34 -3.44 -18.68
CA GLU A 32 4.16 -2.55 -18.81
C GLU A 32 2.80 -3.17 -18.46
N GLY A 33 2.74 -4.49 -18.27
CA GLY A 33 1.53 -5.27 -18.03
C GLY A 33 1.38 -5.75 -16.57
N CYS A 34 1.88 -4.97 -15.61
CA CYS A 34 1.94 -5.31 -14.19
C CYS A 34 1.41 -4.17 -13.29
N THR A 35 0.88 -4.53 -12.11
CA THR A 35 0.38 -3.57 -11.10
C THR A 35 1.56 -2.82 -10.45
N SER A 36 1.43 -1.50 -10.31
CA SER A 36 2.48 -0.60 -9.76
C SER A 36 2.03 0.20 -8.53
N GLU A 37 0.80 0.00 -8.05
CA GLU A 37 0.23 0.60 -6.84
C GLU A 37 -0.84 -0.32 -6.22
N ILE A 38 -0.81 -0.51 -4.90
CA ILE A 38 -1.76 -1.35 -4.14
C ILE A 38 -2.11 -0.71 -2.79
N GLN A 39 -3.13 -1.26 -2.13
CA GLN A 39 -3.61 -0.83 -0.81
C GLN A 39 -3.95 -2.02 0.11
N GLU A 40 -3.96 -1.78 1.41
CA GLU A 40 -4.35 -2.74 2.46
C GLU A 40 -5.08 -2.03 3.62
N GLN A 41 -5.91 -2.77 4.36
CA GLN A 41 -6.59 -2.25 5.56
C GLN A 41 -5.56 -1.91 6.66
N CYS A 42 -5.85 -0.84 7.42
CA CYS A 42 -5.03 -0.36 8.54
C CYS A 42 -5.90 0.23 9.67
N GLU A 43 -5.29 0.50 10.82
CA GLU A 43 -5.96 1.07 12.01
C GLU A 43 -4.98 1.92 12.83
N GLU A 44 -5.48 2.99 13.47
CA GLU A 44 -4.71 3.90 14.33
C GLU A 44 -5.43 4.23 15.66
N GLU A 45 -4.73 4.94 16.54
CA GLU A 45 -5.20 5.38 17.87
C GLU A 45 -6.43 6.30 17.84
N ARG A 46 -6.96 6.65 19.03
CA ARG A 46 -8.11 7.55 19.22
C ARG A 46 -7.95 8.92 18.54
N CYS A 47 -9.09 9.49 18.14
CA CYS A 47 -9.22 10.74 17.37
C CYS A 47 -8.50 11.95 18.00
N PRO A 48 -8.00 12.90 17.19
CA PRO A 48 -7.32 14.11 17.68
C PRO A 48 -8.29 15.13 18.33
N PRO A 49 -7.77 16.09 19.13
CA PRO A 49 -8.54 17.18 19.74
C PRO A 49 -9.45 17.96 18.76
N GLY A 1 5.77 -21.46 -18.56
CA GLY A 1 6.95 -21.20 -17.71
C GLY A 1 6.68 -20.09 -16.70
N SER A 2 7.21 -20.23 -15.48
CA SER A 2 7.09 -19.26 -14.38
C SER A 2 7.73 -17.89 -14.72
N ALA A 3 7.22 -16.82 -14.08
CA ALA A 3 7.69 -15.44 -14.26
C ALA A 3 7.51 -14.60 -12.97
N SER A 4 8.03 -13.37 -12.99
CA SER A 4 7.90 -12.36 -11.93
C SER A 4 8.12 -10.95 -12.51
N CYS A 5 7.68 -9.90 -11.80
CA CYS A 5 7.70 -8.51 -12.27
C CYS A 5 8.18 -7.48 -11.22
N GLY A 6 8.73 -7.94 -10.08
CA GLY A 6 9.30 -7.12 -9.01
C GLY A 6 8.64 -7.36 -7.65
N VAL A 7 9.02 -6.51 -6.67
CA VAL A 7 8.45 -6.48 -5.31
C VAL A 7 8.19 -5.04 -4.85
N TRP A 8 7.37 -4.91 -3.80
CA TRP A 8 6.90 -3.63 -3.27
C TRP A 8 7.92 -2.87 -2.41
N ASP A 9 7.59 -1.61 -2.14
CA ASP A 9 8.33 -0.70 -1.25
C ASP A 9 7.67 -0.57 0.14
N GLU A 10 8.20 0.32 0.98
CA GLU A 10 7.63 0.69 2.29
C GLU A 10 6.19 1.23 2.15
N TRP A 11 5.35 0.91 3.13
CA TRP A 11 3.95 1.36 3.20
C TRP A 11 3.80 2.85 3.53
N SER A 12 2.60 3.34 3.21
CA SER A 12 2.12 4.70 3.53
C SER A 12 1.35 4.70 4.87
N PRO A 13 1.15 5.85 5.53
CA PRO A 13 0.33 5.94 6.74
C PRO A 13 -1.16 5.68 6.45
N CYS A 14 -1.90 5.34 7.51
CA CYS A 14 -3.34 5.17 7.47
C CYS A 14 -4.07 6.47 7.09
N SER A 15 -5.18 6.38 6.34
CA SER A 15 -5.98 7.54 5.90
C SER A 15 -6.67 8.34 7.02
N VAL A 16 -6.69 7.80 8.25
CA VAL A 16 -7.28 8.37 9.47
C VAL A 16 -6.41 8.08 10.70
N THR A 17 -6.74 8.68 11.86
CA THR A 17 -6.08 8.42 13.16
C THR A 17 -7.07 8.05 14.30
N CYS A 18 -8.38 8.11 14.05
CA CYS A 18 -9.45 7.91 15.04
C CYS A 18 -10.18 6.55 14.94
N GLY A 19 -9.91 5.77 13.89
CA GLY A 19 -10.59 4.50 13.61
C GLY A 19 -10.03 3.73 12.41
N LYS A 20 -10.88 2.90 11.78
CA LYS A 20 -10.58 2.15 10.55
C LYS A 20 -10.52 3.07 9.32
N GLY A 21 -9.66 2.70 8.38
CA GLY A 21 -9.45 3.39 7.10
C GLY A 21 -8.73 2.49 6.08
N THR A 22 -7.95 3.09 5.18
CA THR A 22 -7.11 2.39 4.19
C THR A 22 -5.71 3.01 4.06
N ARG A 23 -4.73 2.19 3.67
CA ARG A 23 -3.34 2.59 3.34
C ARG A 23 -2.92 2.03 1.97
N SER A 24 -1.78 2.49 1.44
CA SER A 24 -1.30 2.14 0.09
C SER A 24 0.22 2.12 -0.06
N ARG A 25 0.70 1.62 -1.20
CA ARG A 25 2.11 1.65 -1.61
C ARG A 25 2.27 1.54 -3.13
N LYS A 26 3.45 1.94 -3.62
CA LYS A 26 3.87 1.95 -5.02
C LYS A 26 5.10 1.06 -5.21
N ARG A 27 5.43 0.72 -6.46
CA ARG A 27 6.65 -0.06 -6.81
C ARG A 27 7.17 0.19 -8.23
N GLU A 28 8.39 -0.29 -8.49
CA GLU A 28 9.08 -0.17 -9.77
C GLU A 28 8.98 -1.47 -10.60
N ILE A 29 7.83 -1.65 -11.24
CA ILE A 29 7.51 -2.78 -12.14
C ILE A 29 8.59 -3.01 -13.22
N LEU A 30 8.98 -4.28 -13.41
CA LEU A 30 9.99 -4.68 -14.41
C LEU A 30 9.47 -4.66 -15.86
N HIS A 31 8.15 -4.75 -16.06
CA HIS A 31 7.49 -4.73 -17.38
C HIS A 31 6.18 -3.92 -17.34
N GLU A 32 5.75 -3.45 -18.52
CA GLU A 32 4.59 -2.56 -18.69
C GLU A 32 3.20 -3.18 -18.42
N GLY A 33 3.14 -4.51 -18.25
CA GLY A 33 1.91 -5.30 -18.08
C GLY A 33 1.70 -5.80 -16.65
N CYS A 34 2.12 -5.02 -15.65
CA CYS A 34 2.10 -5.37 -14.23
C CYS A 34 1.51 -4.24 -13.35
N THR A 35 0.91 -4.59 -12.21
CA THR A 35 0.36 -3.64 -11.23
C THR A 35 1.50 -2.90 -10.50
N SER A 36 1.40 -1.58 -10.37
CA SER A 36 2.44 -0.70 -9.76
C SER A 36 1.95 0.10 -8.56
N GLU A 37 0.68 -0.06 -8.16
CA GLU A 37 0.07 0.58 -6.99
C GLU A 37 -1.11 -0.27 -6.45
N ILE A 38 -1.21 -0.41 -5.13
CA ILE A 38 -2.25 -1.20 -4.43
C ILE A 38 -2.71 -0.52 -3.13
N GLN A 39 -3.78 -1.05 -2.54
CA GLN A 39 -4.34 -0.59 -1.26
C GLN A 39 -4.82 -1.76 -0.36
N GLU A 40 -4.96 -1.50 0.92
CA GLU A 40 -5.53 -2.41 1.93
C GLU A 40 -6.13 -1.62 3.12
N GLN A 41 -6.91 -2.26 3.98
CA GLN A 41 -7.43 -1.62 5.21
C GLN A 41 -6.31 -1.27 6.20
N CYS A 42 -6.58 -0.29 7.05
CA CYS A 42 -5.70 0.14 8.16
C CYS A 42 -6.49 0.47 9.44
N GLU A 43 -5.77 0.63 10.54
CA GLU A 43 -6.29 1.00 11.87
C GLU A 43 -5.23 1.86 12.61
N GLU A 44 -5.65 2.67 13.59
CA GLU A 44 -4.78 3.62 14.30
C GLU A 44 -5.14 3.74 15.80
N GLU A 45 -4.22 4.31 16.59
CA GLU A 45 -4.29 4.41 18.06
C GLU A 45 -5.47 5.23 18.62
N ARG A 46 -5.42 6.57 18.49
CA ARG A 46 -6.37 7.50 19.13
C ARG A 46 -6.64 8.77 18.32
N CYS A 47 -7.89 9.23 18.36
CA CYS A 47 -8.43 10.44 17.74
C CYS A 47 -7.62 11.73 18.06
N PRO A 48 -7.67 12.76 17.18
CA PRO A 48 -6.90 13.99 17.37
C PRO A 48 -7.45 14.88 18.51
N PRO A 49 -6.61 15.80 19.06
CA PRO A 49 -7.02 16.75 20.10
C PRO A 49 -8.02 17.81 19.60
N GLY A 1 -0.79 -15.33 -14.39
CA GLY A 1 0.51 -14.61 -14.32
C GLY A 1 1.20 -14.89 -12.99
N SER A 2 2.43 -15.42 -13.04
CA SER A 2 3.20 -15.86 -11.85
C SER A 2 4.67 -15.38 -11.84
N ALA A 3 5.04 -14.48 -12.76
CA ALA A 3 6.40 -13.94 -12.90
C ALA A 3 6.77 -12.82 -11.90
N SER A 4 5.82 -12.39 -11.06
CA SER A 4 5.91 -11.29 -10.06
C SER A 4 6.06 -9.87 -10.63
N CYS A 5 6.72 -9.72 -11.79
CA CYS A 5 7.00 -8.44 -12.47
C CYS A 5 7.72 -7.39 -11.58
N GLY A 6 8.51 -7.84 -10.60
CA GLY A 6 9.25 -7.03 -9.63
C GLY A 6 8.84 -7.32 -8.18
N VAL A 7 9.28 -6.47 -7.25
CA VAL A 7 8.90 -6.49 -5.83
C VAL A 7 8.65 -5.08 -5.30
N TRP A 8 7.94 -4.99 -4.18
CA TRP A 8 7.50 -3.75 -3.57
C TRP A 8 8.59 -2.98 -2.80
N ASP A 9 8.26 -1.74 -2.45
CA ASP A 9 9.08 -0.85 -1.63
C ASP A 9 8.51 -0.71 -0.19
N GLU A 10 8.98 0.25 0.60
CA GLU A 10 8.45 0.57 1.93
C GLU A 10 7.00 1.07 1.88
N TRP A 11 6.24 0.76 2.93
CA TRP A 11 4.86 1.23 3.12
C TRP A 11 4.77 2.73 3.42
N SER A 12 3.53 3.22 3.32
CA SER A 12 3.10 4.59 3.63
C SER A 12 2.11 4.61 4.83
N PRO A 13 1.79 5.77 5.44
CA PRO A 13 0.93 5.83 6.61
C PRO A 13 -0.55 5.51 6.32
N CYS A 14 -1.29 5.19 7.38
CA CYS A 14 -2.72 4.89 7.36
C CYS A 14 -3.56 6.08 6.85
N SER A 15 -4.66 5.82 6.14
CA SER A 15 -5.54 6.83 5.55
C SER A 15 -6.37 7.67 6.56
N VAL A 16 -6.32 7.31 7.85
CA VAL A 16 -7.12 7.94 8.94
C VAL A 16 -6.28 8.12 10.22
N THR A 17 -6.83 8.87 11.19
CA THR A 17 -6.19 9.23 12.47
C THR A 17 -7.16 9.07 13.66
N CYS A 18 -8.14 8.17 13.54
CA CYS A 18 -9.21 7.97 14.54
C CYS A 18 -9.74 6.52 14.68
N GLY A 19 -9.39 5.61 13.75
CA GLY A 19 -9.91 4.25 13.70
C GLY A 19 -9.33 3.39 12.56
N LYS A 20 -10.14 2.45 12.04
CA LYS A 20 -9.83 1.59 10.89
C LYS A 20 -9.80 2.39 9.58
N GLY A 21 -8.89 2.01 8.69
CA GLY A 21 -8.69 2.55 7.34
C GLY A 21 -7.85 1.62 6.46
N THR A 22 -7.17 2.17 5.46
CA THR A 22 -6.23 1.43 4.58
C THR A 22 -4.91 2.20 4.35
N ARG A 23 -3.81 1.47 4.16
CA ARG A 23 -2.49 2.00 3.78
C ARG A 23 -2.07 1.46 2.42
N SER A 24 -1.04 2.04 1.79
CA SER A 24 -0.63 1.69 0.42
C SER A 24 0.89 1.76 0.18
N ARG A 25 1.33 1.23 -0.96
CA ARG A 25 2.72 1.32 -1.45
C ARG A 25 2.79 1.22 -2.98
N LYS A 26 3.90 1.71 -3.53
CA LYS A 26 4.22 1.75 -4.97
C LYS A 26 5.46 0.91 -5.26
N ARG A 27 5.71 0.60 -6.54
CA ARG A 27 6.89 -0.17 -6.99
C ARG A 27 7.34 0.12 -8.42
N GLU A 28 8.55 -0.33 -8.75
CA GLU A 28 9.17 -0.22 -10.09
C GLU A 28 8.93 -1.50 -10.90
N ILE A 29 7.74 -1.59 -11.50
CA ILE A 29 7.32 -2.69 -12.39
C ILE A 29 8.32 -2.97 -13.53
N LEU A 30 8.64 -4.25 -13.74
CA LEU A 30 9.60 -4.71 -14.76
C LEU A 30 9.08 -4.59 -16.21
N HIS A 31 7.76 -4.54 -16.40
CA HIS A 31 7.09 -4.35 -17.69
C HIS A 31 5.84 -3.48 -17.54
N GLU A 32 5.40 -2.85 -18.64
CA GLU A 32 4.27 -1.89 -18.68
C GLU A 32 2.86 -2.47 -18.43
N GLY A 33 2.74 -3.80 -18.42
CA GLY A 33 1.47 -4.54 -18.27
C GLY A 33 1.30 -5.19 -16.89
N CYS A 34 1.77 -4.53 -15.84
CA CYS A 34 1.80 -5.04 -14.46
C CYS A 34 1.27 -4.02 -13.44
N THR A 35 0.73 -4.50 -12.31
CA THR A 35 0.26 -3.65 -11.19
C THR A 35 1.44 -2.98 -10.50
N SER A 36 1.33 -1.66 -10.26
CA SER A 36 2.39 -0.83 -9.68
C SER A 36 1.99 -0.13 -8.36
N GLU A 37 0.76 -0.37 -7.88
CA GLU A 37 0.23 0.16 -6.61
C GLU A 37 -0.85 -0.77 -6.03
N ILE A 38 -0.82 -0.99 -4.71
CA ILE A 38 -1.76 -1.83 -3.94
C ILE A 38 -2.11 -1.19 -2.59
N GLN A 39 -3.06 -1.80 -1.87
CA GLN A 39 -3.47 -1.39 -0.52
C GLN A 39 -3.78 -2.60 0.40
N GLU A 40 -3.81 -2.34 1.71
CA GLU A 40 -4.24 -3.26 2.77
C GLU A 40 -4.84 -2.47 3.96
N GLN A 41 -5.56 -3.15 4.86
CA GLN A 41 -6.13 -2.50 6.05
C GLN A 41 -5.05 -1.95 7.01
N CYS A 42 -5.42 -0.89 7.73
CA CYS A 42 -4.60 -0.26 8.78
C CYS A 42 -5.47 0.26 9.93
N GLU A 43 -4.83 0.70 11.02
CA GLU A 43 -5.48 1.33 12.19
C GLU A 43 -4.55 2.33 12.90
N GLU A 44 -5.14 3.27 13.63
CA GLU A 44 -4.46 4.29 14.44
C GLU A 44 -5.22 4.60 15.74
N GLU A 45 -4.61 5.38 16.63
CA GLU A 45 -5.25 5.88 17.86
C GLU A 45 -6.46 6.80 17.57
N ARG A 46 -7.25 7.11 18.59
CA ARG A 46 -8.48 7.94 18.46
C ARG A 46 -8.22 9.40 18.06
N CYS A 47 -9.30 10.07 17.62
CA CYS A 47 -9.32 11.42 17.08
C CYS A 47 -8.56 12.49 17.91
N PRO A 48 -8.01 13.53 17.25
CA PRO A 48 -7.32 14.64 17.91
C PRO A 48 -8.30 15.60 18.63
N PRO A 49 -7.82 16.43 19.58
CA PRO A 49 -8.62 17.42 20.31
C PRO A 49 -9.11 18.57 19.40
N GLY A 1 1.42 -15.98 -15.64
CA GLY A 1 2.80 -15.46 -15.85
C GLY A 1 3.84 -16.46 -15.39
N SER A 2 4.82 -16.77 -16.26
CA SER A 2 5.88 -17.77 -16.01
C SER A 2 6.89 -17.40 -14.91
N ALA A 3 6.98 -16.11 -14.54
CA ALA A 3 7.89 -15.58 -13.53
C ALA A 3 7.31 -14.34 -12.82
N SER A 4 7.93 -13.95 -11.70
CA SER A 4 7.60 -12.75 -10.91
C SER A 4 7.84 -11.43 -11.69
N CYS A 5 7.26 -10.33 -11.20
CA CYS A 5 7.33 -9.00 -11.83
C CYS A 5 7.88 -7.90 -10.89
N GLY A 6 8.47 -8.28 -9.76
CA GLY A 6 9.07 -7.41 -8.75
C GLY A 6 8.50 -7.59 -7.34
N VAL A 7 8.90 -6.72 -6.42
CA VAL A 7 8.41 -6.63 -5.03
C VAL A 7 8.21 -5.17 -4.61
N TRP A 8 7.42 -4.98 -3.56
CA TRP A 8 7.02 -3.67 -3.05
C TRP A 8 8.11 -2.93 -2.27
N ASP A 9 7.87 -1.63 -2.06
CA ASP A 9 8.71 -0.74 -1.25
C ASP A 9 8.10 -0.53 0.17
N GLU A 10 8.62 0.44 0.92
CA GLU A 10 8.07 0.83 2.23
C GLU A 10 6.64 1.42 2.11
N TRP A 11 5.82 1.15 3.13
CA TRP A 11 4.47 1.71 3.26
C TRP A 11 4.45 3.22 3.52
N SER A 12 3.25 3.79 3.36
CA SER A 12 2.89 5.18 3.65
C SER A 12 1.83 5.25 4.78
N PRO A 13 1.55 6.42 5.39
CA PRO A 13 0.58 6.54 6.47
C PRO A 13 -0.88 6.36 5.98
N CYS A 14 -1.76 6.08 6.95
CA CYS A 14 -3.19 5.93 6.71
C CYS A 14 -3.91 7.24 6.33
N SER A 15 -5.05 7.13 5.65
CA SER A 15 -5.96 8.22 5.28
C SER A 15 -6.63 8.93 6.48
N VAL A 16 -6.63 8.30 7.67
CA VAL A 16 -7.15 8.85 8.94
C VAL A 16 -6.25 8.43 10.12
N THR A 17 -6.44 9.07 11.29
CA THR A 17 -5.66 8.83 12.53
C THR A 17 -6.33 7.80 13.47
N CYS A 18 -6.95 6.78 12.88
CA CYS A 18 -7.64 5.68 13.56
C CYS A 18 -7.66 4.43 12.65
N GLY A 19 -7.99 3.24 13.19
CA GLY A 19 -8.15 1.99 12.42
C GLY A 19 -9.45 1.92 11.62
N LYS A 20 -9.81 2.99 10.90
CA LYS A 20 -11.06 3.21 10.15
C LYS A 20 -10.83 3.82 8.75
N GLY A 21 -9.67 3.53 8.18
CA GLY A 21 -9.21 4.01 6.87
C GLY A 21 -8.23 3.05 6.19
N THR A 22 -7.51 3.54 5.18
CA THR A 22 -6.59 2.74 4.34
C THR A 22 -5.23 3.40 4.15
N ARG A 23 -4.22 2.59 3.82
CA ARG A 23 -2.84 3.02 3.48
C ARG A 23 -2.40 2.41 2.15
N SER A 24 -1.33 2.93 1.55
CA SER A 24 -0.86 2.52 0.21
C SER A 24 0.66 2.44 0.06
N ARG A 25 1.12 1.84 -1.05
CA ARG A 25 2.51 1.81 -1.49
C ARG A 25 2.61 1.58 -3.00
N LYS A 26 3.73 2.03 -3.58
CA LYS A 26 4.10 1.89 -5.01
C LYS A 26 5.30 0.95 -5.17
N ARG A 27 5.55 0.50 -6.41
CA ARG A 27 6.74 -0.32 -6.76
C ARG A 27 7.19 -0.15 -8.22
N GLU A 28 8.44 -0.55 -8.47
CA GLU A 28 9.09 -0.50 -9.79
C GLU A 28 8.93 -1.85 -10.53
N ILE A 29 7.76 -2.04 -11.14
CA ILE A 29 7.42 -3.22 -11.95
C ILE A 29 8.45 -3.54 -13.05
N LEU A 30 8.79 -4.83 -13.18
CA LEU A 30 9.78 -5.32 -14.15
C LEU A 30 9.28 -5.36 -15.60
N HIS A 31 7.95 -5.45 -15.80
CA HIS A 31 7.29 -5.56 -17.10
C HIS A 31 5.97 -4.76 -17.13
N GLU A 32 5.58 -4.27 -18.32
CA GLU A 32 4.31 -3.57 -18.54
C GLU A 32 3.09 -4.49 -18.29
N GLY A 33 2.06 -3.96 -17.65
CA GLY A 33 0.80 -4.66 -17.35
C GLY A 33 0.68 -5.15 -15.90
N CYS A 34 1.81 -5.33 -15.21
CA CYS A 34 1.86 -5.68 -13.79
C CYS A 34 1.33 -4.54 -12.90
N THR A 35 0.72 -4.88 -11.74
CA THR A 35 0.24 -3.90 -10.76
C THR A 35 1.41 -3.13 -10.13
N SER A 36 1.33 -1.80 -10.06
CA SER A 36 2.39 -0.92 -9.56
C SER A 36 1.99 -0.06 -8.36
N GLU A 37 0.73 -0.15 -7.91
CA GLU A 37 0.21 0.50 -6.70
C GLU A 37 -0.98 -0.29 -6.13
N ILE A 38 -1.04 -0.40 -4.78
CA ILE A 38 -2.07 -1.14 -4.02
C ILE A 38 -2.48 -0.39 -2.74
N GLN A 39 -3.52 -0.89 -2.07
CA GLN A 39 -4.00 -0.40 -0.77
C GLN A 39 -4.45 -1.55 0.17
N GLU A 40 -4.51 -1.25 1.46
CA GLU A 40 -5.06 -2.12 2.52
C GLU A 40 -5.63 -1.29 3.68
N GLN A 41 -6.50 -1.88 4.51
CA GLN A 41 -7.01 -1.24 5.72
C GLN A 41 -5.91 -1.05 6.77
N CYS A 42 -5.98 0.07 7.51
CA CYS A 42 -4.97 0.48 8.48
C CYS A 42 -5.39 0.21 9.94
N GLU A 43 -4.46 0.43 10.88
CA GLU A 43 -4.62 0.12 12.31
C GLU A 43 -4.01 1.22 13.22
N GLU A 44 -4.11 2.50 12.82
CA GLU A 44 -3.61 3.62 13.63
C GLU A 44 -4.24 3.68 15.04
N GLU A 45 -3.41 3.95 16.04
CA GLU A 45 -3.81 4.11 17.46
C GLU A 45 -4.53 5.45 17.75
N ARG A 46 -5.09 5.56 18.97
CA ARG A 46 -5.72 6.73 19.58
C ARG A 46 -6.64 7.57 18.69
N CYS A 47 -7.66 6.91 18.13
CA CYS A 47 -8.76 7.50 17.35
C CYS A 47 -9.35 8.80 17.93
N PRO A 48 -9.79 9.76 17.09
CA PRO A 48 -10.48 10.98 17.53
C PRO A 48 -11.68 10.74 18.48
N PRO A 49 -11.99 11.67 19.40
CA PRO A 49 -13.12 11.57 20.33
C PRO A 49 -14.50 11.64 19.63
N GLY A 1 4.71 -20.02 -12.99
CA GLY A 1 5.60 -19.23 -13.85
C GLY A 1 6.84 -18.77 -13.11
N SER A 2 8.02 -18.93 -13.72
CA SER A 2 9.33 -18.56 -13.14
C SER A 2 9.62 -17.04 -13.13
N ALA A 3 8.93 -16.26 -13.97
CA ALA A 3 9.05 -14.80 -14.04
C ALA A 3 8.54 -14.07 -12.77
N SER A 4 8.93 -12.81 -12.60
CA SER A 4 8.49 -11.93 -11.51
C SER A 4 8.50 -10.45 -11.92
N CYS A 5 7.51 -9.69 -11.45
CA CYS A 5 7.41 -8.24 -11.67
C CYS A 5 8.27 -7.42 -10.68
N GLY A 6 8.90 -8.05 -9.69
CA GLY A 6 9.67 -7.39 -8.62
C GLY A 6 8.93 -7.45 -7.27
N VAL A 7 9.30 -6.56 -6.35
CA VAL A 7 8.65 -6.37 -5.03
C VAL A 7 8.28 -4.91 -4.76
N TRP A 8 7.40 -4.70 -3.80
CA TRP A 8 6.90 -3.39 -3.37
C TRP A 8 7.91 -2.59 -2.54
N ASP A 9 7.56 -1.32 -2.30
CA ASP A 9 8.30 -0.38 -1.44
C ASP A 9 7.60 -0.19 -0.07
N GLU A 10 8.11 0.71 0.77
CA GLU A 10 7.51 1.08 2.06
C GLU A 10 6.09 1.66 1.89
N TRP A 11 5.21 1.36 2.86
CA TRP A 11 3.82 1.80 2.88
C TRP A 11 3.64 3.29 3.17
N SER A 12 2.44 3.77 2.82
CA SER A 12 1.94 5.12 3.10
C SER A 12 1.16 5.13 4.44
N PRO A 13 0.95 6.29 5.09
CA PRO A 13 0.13 6.39 6.29
C PRO A 13 -1.35 6.10 6.02
N CYS A 14 -2.08 5.78 7.08
CA CYS A 14 -3.53 5.57 7.04
C CYS A 14 -4.27 6.86 6.62
N SER A 15 -5.39 6.73 5.88
CA SER A 15 -6.22 7.87 5.42
C SER A 15 -6.92 8.66 6.53
N VAL A 16 -6.86 8.16 7.78
CA VAL A 16 -7.41 8.78 9.00
C VAL A 16 -6.42 8.69 10.16
N THR A 17 -6.64 9.50 11.19
CA THR A 17 -5.87 9.50 12.46
C THR A 17 -6.61 8.75 13.58
N CYS A 18 -7.83 8.26 13.31
CA CYS A 18 -8.70 7.56 14.25
C CYS A 18 -9.70 6.65 13.53
N GLY A 19 -9.97 5.47 14.09
CA GLY A 19 -10.82 4.44 13.49
C GLY A 19 -10.21 3.79 12.23
N LYS A 20 -11.03 3.08 11.47
CA LYS A 20 -10.71 2.46 10.19
C LYS A 20 -10.63 3.47 9.03
N GLY A 21 -9.82 3.12 8.04
CA GLY A 21 -9.59 3.82 6.78
C GLY A 21 -8.88 2.92 5.74
N THR A 22 -8.11 3.50 4.82
CA THR A 22 -7.28 2.77 3.85
C THR A 22 -5.87 3.36 3.70
N ARG A 23 -4.89 2.52 3.33
CA ARG A 23 -3.50 2.91 3.00
C ARG A 23 -3.07 2.33 1.65
N SER A 24 -1.92 2.77 1.12
CA SER A 24 -1.46 2.40 -0.23
C SER A 24 0.08 2.40 -0.38
N ARG A 25 0.55 1.86 -1.51
CA ARG A 25 1.97 1.88 -1.93
C ARG A 25 2.11 1.72 -3.45
N LYS A 26 3.28 2.13 -3.95
CA LYS A 26 3.71 2.07 -5.36
C LYS A 26 4.94 1.17 -5.49
N ARG A 27 5.28 0.77 -6.73
CA ARG A 27 6.50 0.02 -7.04
C ARG A 27 6.96 0.21 -8.48
N GLU A 28 8.24 -0.08 -8.73
CA GLU A 28 8.87 -0.03 -10.06
C GLU A 28 8.90 -1.43 -10.70
N ILE A 29 7.79 -1.77 -11.38
CA ILE A 29 7.61 -3.02 -12.14
C ILE A 29 8.78 -3.33 -13.08
N LEU A 30 9.32 -4.56 -13.00
CA LEU A 30 10.40 -5.06 -13.84
C LEU A 30 10.01 -5.25 -15.32
N HIS A 31 8.71 -5.36 -15.64
CA HIS A 31 8.17 -5.41 -17.00
C HIS A 31 6.74 -4.90 -17.10
N GLU A 32 6.35 -4.70 -18.35
CA GLU A 32 5.01 -4.33 -18.81
C GLU A 32 3.93 -5.32 -18.34
N GLY A 33 2.67 -4.86 -18.30
CA GLY A 33 1.49 -5.68 -18.01
C GLY A 33 1.32 -6.14 -16.55
N CYS A 34 2.00 -5.52 -15.59
CA CYS A 34 1.91 -5.86 -14.16
C CYS A 34 1.48 -4.66 -13.28
N THR A 35 0.89 -4.95 -12.12
CA THR A 35 0.39 -3.93 -11.18
C THR A 35 1.55 -3.15 -10.54
N SER A 36 1.41 -1.82 -10.49
CA SER A 36 2.43 -0.89 -9.97
C SER A 36 1.94 0.03 -8.84
N GLU A 37 0.67 -0.09 -8.43
CA GLU A 37 0.04 0.62 -7.30
C GLU A 37 -1.13 -0.20 -6.73
N ILE A 38 -1.26 -0.28 -5.40
CA ILE A 38 -2.31 -1.04 -4.68
C ILE A 38 -2.79 -0.30 -3.42
N GLN A 39 -3.87 -0.79 -2.83
CA GLN A 39 -4.49 -0.29 -1.59
C GLN A 39 -4.98 -1.43 -0.69
N GLU A 40 -5.12 -1.14 0.61
CA GLU A 40 -5.71 -2.04 1.62
C GLU A 40 -6.32 -1.25 2.80
N GLN A 41 -7.14 -1.91 3.62
CA GLN A 41 -7.69 -1.31 4.85
C GLN A 41 -6.58 -1.01 5.89
N CYS A 42 -6.74 0.07 6.65
CA CYS A 42 -5.89 0.46 7.77
C CYS A 42 -6.75 0.83 9.00
N GLU A 43 -6.14 0.95 10.17
CA GLU A 43 -6.83 1.33 11.41
C GLU A 43 -5.86 2.03 12.40
N GLU A 44 -6.38 2.99 13.16
CA GLU A 44 -5.67 3.70 14.23
C GLU A 44 -6.41 3.47 15.57
N GLU A 45 -5.65 3.08 16.60
CA GLU A 45 -6.15 2.65 17.92
C GLU A 45 -7.00 3.69 18.66
N ARG A 46 -6.59 4.97 18.62
CA ARG A 46 -7.26 6.09 19.29
C ARG A 46 -7.03 7.42 18.57
N CYS A 47 -7.94 8.38 18.80
CA CYS A 47 -7.87 9.72 18.21
C CYS A 47 -6.72 10.56 18.80
N PRO A 48 -6.19 11.56 18.06
CA PRO A 48 -5.12 12.43 18.53
C PRO A 48 -5.59 13.42 19.63
N PRO A 49 -4.67 13.95 20.47
CA PRO A 49 -4.99 14.92 21.53
C PRO A 49 -5.45 16.28 20.97
N GLY A 1 4.56 -22.62 -13.76
CA GLY A 1 4.86 -21.18 -13.93
C GLY A 1 5.82 -20.69 -12.85
N SER A 2 6.91 -20.04 -13.26
CA SER A 2 8.00 -19.58 -12.36
C SER A 2 8.45 -18.12 -12.62
N ALA A 3 7.72 -17.37 -13.43
CA ALA A 3 7.97 -15.94 -13.72
C ALA A 3 7.78 -15.02 -12.51
N SER A 4 8.28 -13.78 -12.61
CA SER A 4 8.14 -12.70 -11.62
C SER A 4 8.36 -11.31 -12.26
N CYS A 5 7.89 -10.25 -11.59
CA CYS A 5 7.92 -8.87 -12.10
C CYS A 5 8.28 -7.78 -11.05
N GLY A 6 8.77 -8.19 -9.88
CA GLY A 6 9.27 -7.31 -8.82
C GLY A 6 8.58 -7.50 -7.46
N VAL A 7 8.92 -6.61 -6.52
CA VAL A 7 8.32 -6.50 -5.16
C VAL A 7 8.10 -5.03 -4.79
N TRP A 8 7.24 -4.83 -3.78
CA TRP A 8 6.84 -3.51 -3.30
C TRP A 8 7.91 -2.76 -2.48
N ASP A 9 7.63 -1.49 -2.21
CA ASP A 9 8.45 -0.60 -1.38
C ASP A 9 7.75 -0.25 -0.04
N GLU A 10 8.31 0.68 0.74
CA GLU A 10 7.72 1.17 1.99
C GLU A 10 6.34 1.81 1.80
N TRP A 11 5.47 1.64 2.81
CA TRP A 11 4.10 2.16 2.84
C TRP A 11 4.00 3.67 3.01
N SER A 12 2.81 4.19 2.71
CA SER A 12 2.39 5.59 2.88
C SER A 12 1.53 5.75 4.15
N PRO A 13 1.32 6.97 4.69
CA PRO A 13 0.42 7.19 5.81
C PRO A 13 -1.05 6.90 5.47
N CYS A 14 -1.84 6.63 6.50
CA CYS A 14 -3.28 6.40 6.38
C CYS A 14 -4.07 7.67 5.98
N SER A 15 -5.25 7.47 5.37
CA SER A 15 -6.20 8.53 5.01
C SER A 15 -6.85 9.26 6.22
N VAL A 16 -6.70 8.70 7.43
CA VAL A 16 -7.16 9.24 8.73
C VAL A 16 -6.10 8.98 9.82
N THR A 17 -6.36 9.44 11.05
CA THR A 17 -5.47 9.31 12.23
C THR A 17 -6.17 8.62 13.42
N CYS A 18 -7.14 7.74 13.11
CA CYS A 18 -8.01 7.03 14.07
C CYS A 18 -8.05 5.51 13.89
N GLY A 19 -7.39 4.99 12.84
CA GLY A 19 -7.39 3.55 12.49
C GLY A 19 -8.68 3.08 11.80
N LYS A 20 -9.34 3.98 11.05
CA LYS A 20 -10.66 3.80 10.41
C LYS A 20 -10.66 4.13 8.91
N GLY A 21 -9.51 3.93 8.27
CA GLY A 21 -9.25 4.28 6.87
C GLY A 21 -8.26 3.34 6.17
N THR A 22 -7.64 3.82 5.10
CA THR A 22 -6.75 3.04 4.20
C THR A 22 -5.40 3.72 3.97
N ARG A 23 -4.42 2.93 3.54
CA ARG A 23 -3.06 3.35 3.15
C ARG A 23 -2.68 2.75 1.80
N SER A 24 -1.56 3.19 1.22
CA SER A 24 -1.14 2.77 -0.13
C SER A 24 0.38 2.70 -0.32
N ARG A 25 0.80 2.09 -1.43
CA ARG A 25 2.21 2.05 -1.88
C ARG A 25 2.30 1.83 -3.39
N LYS A 26 3.47 2.15 -3.92
CA LYS A 26 3.86 2.01 -5.34
C LYS A 26 5.13 1.17 -5.45
N ARG A 27 5.46 0.72 -6.67
CA ARG A 27 6.67 -0.08 -6.94
C ARG A 27 7.19 0.06 -8.37
N GLU A 28 8.46 -0.26 -8.55
CA GLU A 28 9.15 -0.25 -9.85
C GLU A 28 9.00 -1.60 -10.58
N ILE A 29 7.83 -1.81 -11.18
CA ILE A 29 7.49 -3.01 -11.98
C ILE A 29 8.52 -3.29 -13.10
N LEU A 30 8.92 -4.55 -13.22
CA LEU A 30 9.88 -5.02 -14.24
C LEU A 30 9.22 -5.27 -15.61
N HIS A 31 7.89 -5.47 -15.65
CA HIS A 31 7.11 -5.71 -16.87
C HIS A 31 5.75 -4.99 -16.83
N GLU A 32 5.22 -4.64 -18.00
CA GLU A 32 3.97 -3.88 -18.17
C GLU A 32 2.71 -4.62 -17.68
N GLY A 33 2.78 -5.94 -17.63
CA GLY A 33 1.68 -6.85 -17.28
C GLY A 33 1.51 -7.08 -15.77
N CYS A 34 1.95 -6.15 -14.92
CA CYS A 34 1.93 -6.22 -13.47
C CYS A 34 1.46 -4.92 -12.81
N THR A 35 0.75 -5.03 -11.68
CA THR A 35 0.21 -3.91 -10.88
C THR A 35 1.34 -3.09 -10.25
N SER A 36 1.22 -1.76 -10.27
CA SER A 36 2.23 -0.80 -9.76
C SER A 36 1.73 0.13 -8.65
N GLU A 37 0.46 0.01 -8.24
CA GLU A 37 -0.14 0.74 -7.11
C GLU A 37 -1.28 -0.08 -6.47
N ILE A 38 -1.33 -0.13 -5.14
CA ILE A 38 -2.33 -0.88 -4.34
C ILE A 38 -2.73 -0.11 -3.07
N GLN A 39 -3.79 -0.59 -2.40
CA GLN A 39 -4.29 -0.06 -1.12
C GLN A 39 -4.80 -1.18 -0.18
N GLU A 40 -4.84 -0.89 1.12
CA GLU A 40 -5.41 -1.75 2.17
C GLU A 40 -5.80 -0.93 3.42
N GLN A 41 -6.56 -1.52 4.35
CA GLN A 41 -6.91 -0.87 5.63
C GLN A 41 -5.66 -0.63 6.48
N CYS A 42 -5.62 0.55 7.12
CA CYS A 42 -4.44 1.00 7.88
C CYS A 42 -4.40 0.52 9.34
N GLU A 43 -3.33 0.89 10.06
CA GLU A 43 -3.02 0.42 11.44
C GLU A 43 -2.72 1.57 12.42
N GLU A 44 -3.19 2.80 12.14
CA GLU A 44 -3.06 3.94 13.06
C GLU A 44 -3.75 3.72 14.42
N GLU A 45 -3.28 4.42 15.45
CA GLU A 45 -3.88 4.44 16.80
C GLU A 45 -5.28 5.09 16.76
N ARG A 46 -6.09 4.85 17.80
CA ARG A 46 -7.43 5.45 18.00
C ARG A 46 -7.41 7.00 17.97
N CYS A 47 -8.57 7.60 17.71
CA CYS A 47 -8.76 9.04 17.53
C CYS A 47 -8.11 9.90 18.66
N PRO A 48 -7.54 11.09 18.33
CA PRO A 48 -6.98 12.04 19.30
C PRO A 48 -7.98 12.43 20.42
N PRO A 49 -7.48 12.80 21.63
CA PRO A 49 -8.30 13.27 22.75
C PRO A 49 -8.97 14.64 22.50
N GLY A 1 5.78 -11.12 -20.95
CA GLY A 1 6.70 -11.31 -19.81
C GLY A 1 5.98 -11.17 -18.48
N SER A 2 5.90 -12.25 -17.70
CA SER A 2 5.19 -12.29 -16.40
C SER A 2 5.79 -13.29 -15.38
N ALA A 3 6.99 -13.82 -15.64
CA ALA A 3 7.66 -14.83 -14.79
C ALA A 3 8.08 -14.31 -13.40
N SER A 4 8.26 -13.00 -13.25
CA SER A 4 8.55 -12.29 -11.99
C SER A 4 8.23 -10.80 -12.10
N CYS A 5 7.96 -10.13 -10.97
CA CYS A 5 7.52 -8.73 -10.92
C CYS A 5 8.27 -7.88 -9.86
N GLY A 6 9.29 -8.43 -9.21
CA GLY A 6 10.01 -7.77 -8.11
C GLY A 6 9.23 -7.81 -6.78
N VAL A 7 9.61 -6.94 -5.86
CA VAL A 7 8.94 -6.73 -4.57
C VAL A 7 8.60 -5.25 -4.33
N TRP A 8 7.69 -5.01 -3.38
CA TRP A 8 7.20 -3.69 -3.02
C TRP A 8 8.19 -2.86 -2.18
N ASP A 9 7.83 -1.59 -1.98
CA ASP A 9 8.56 -0.62 -1.14
C ASP A 9 7.80 -0.33 0.17
N GLU A 10 8.29 0.63 0.97
CA GLU A 10 7.64 1.10 2.21
C GLU A 10 6.21 1.64 1.96
N TRP A 11 5.32 1.40 2.92
CA TRP A 11 3.93 1.82 2.88
C TRP A 11 3.71 3.33 3.07
N SER A 12 2.52 3.77 2.64
CA SER A 12 2.00 5.13 2.83
C SER A 12 1.24 5.23 4.18
N PRO A 13 1.00 6.44 4.73
CA PRO A 13 0.19 6.61 5.93
C PRO A 13 -1.28 6.21 5.72
N CYS A 14 -1.95 5.88 6.83
CA CYS A 14 -3.38 5.56 6.86
C CYS A 14 -4.24 6.77 6.43
N SER A 15 -5.36 6.53 5.72
CA SER A 15 -6.29 7.59 5.26
C SER A 15 -7.10 8.27 6.38
N VAL A 16 -6.96 7.81 7.63
CA VAL A 16 -7.67 8.28 8.84
C VAL A 16 -6.70 8.46 10.01
N THR A 17 -7.20 9.04 11.11
CA THR A 17 -6.42 9.40 12.32
C THR A 17 -7.04 8.85 13.62
N CYS A 18 -7.81 7.76 13.51
CA CYS A 18 -8.46 7.08 14.64
C CYS A 18 -8.66 5.57 14.42
N GLY A 19 -9.20 5.16 13.27
CA GLY A 19 -9.37 3.75 12.89
C GLY A 19 -10.27 3.50 11.67
N LYS A 20 -10.22 2.27 11.14
CA LYS A 20 -10.91 1.77 9.94
C LYS A 20 -10.89 2.71 8.72
N GLY A 21 -9.74 2.70 8.04
CA GLY A 21 -9.46 3.38 6.77
C GLY A 21 -8.70 2.48 5.79
N THR A 22 -7.96 3.06 4.85
CA THR A 22 -7.09 2.32 3.90
C THR A 22 -5.73 3.00 3.70
N ARG A 23 -4.70 2.20 3.35
CA ARG A 23 -3.35 2.65 2.97
C ARG A 23 -2.90 2.02 1.65
N SER A 24 -1.80 2.49 1.09
CA SER A 24 -1.32 2.06 -0.24
C SER A 24 0.20 2.11 -0.40
N ARG A 25 0.70 1.52 -1.50
CA ARG A 25 2.12 1.59 -1.92
C ARG A 25 2.28 1.35 -3.42
N LYS A 26 3.47 1.70 -3.93
CA LYS A 26 3.92 1.55 -5.32
C LYS A 26 5.26 0.81 -5.38
N ARG A 27 5.66 0.35 -6.58
CA ARG A 27 6.93 -0.38 -6.78
C ARG A 27 7.49 -0.27 -8.20
N GLU A 28 8.79 -0.56 -8.32
CA GLU A 28 9.53 -0.61 -9.60
C GLU A 28 9.36 -1.98 -10.30
N ILE A 29 8.22 -2.16 -10.97
CA ILE A 29 7.85 -3.36 -11.74
C ILE A 29 8.88 -3.75 -12.82
N LEU A 30 9.00 -5.05 -13.07
CA LEU A 30 9.95 -5.63 -14.05
C LEU A 30 9.39 -5.72 -15.49
N HIS A 31 8.07 -5.80 -15.65
CA HIS A 31 7.36 -5.87 -16.94
C HIS A 31 6.04 -5.08 -16.89
N GLU A 32 5.55 -4.63 -18.05
CA GLU A 32 4.34 -3.79 -18.17
C GLU A 32 3.04 -4.45 -17.67
N GLY A 33 3.01 -5.78 -17.66
CA GLY A 33 1.87 -6.58 -17.19
C GLY A 33 1.78 -6.77 -15.66
N CYS A 34 2.85 -6.44 -14.93
CA CYS A 34 2.90 -6.50 -13.47
C CYS A 34 2.10 -5.36 -12.80
N THR A 35 1.48 -5.63 -11.64
CA THR A 35 0.79 -4.61 -10.83
C THR A 35 1.82 -3.69 -10.18
N SER A 36 1.61 -2.37 -10.25
CA SER A 36 2.54 -1.34 -9.77
C SER A 36 1.96 -0.43 -8.66
N GLU A 37 0.70 -0.65 -8.26
CA GLU A 37 0.01 0.05 -7.18
C GLU A 37 -1.09 -0.84 -6.56
N ILE A 38 -1.14 -0.90 -5.22
CA ILE A 38 -2.12 -1.70 -4.44
C ILE A 38 -2.60 -0.96 -3.19
N GLN A 39 -3.64 -1.49 -2.54
CA GLN A 39 -4.22 -0.95 -1.30
C GLN A 39 -4.64 -2.07 -0.32
N GLU A 40 -4.78 -1.71 0.96
CA GLU A 40 -5.30 -2.56 2.04
C GLU A 40 -5.94 -1.72 3.17
N GLN A 41 -6.72 -2.35 4.04
CA GLN A 41 -7.30 -1.71 5.24
C GLN A 41 -6.18 -1.24 6.22
N CYS A 42 -6.40 -0.11 6.88
CA CYS A 42 -5.51 0.42 7.93
C CYS A 42 -6.26 0.85 9.19
N GLU A 43 -5.53 0.99 10.29
CA GLU A 43 -6.03 1.36 11.62
C GLU A 43 -4.94 2.12 12.42
N GLU A 44 -5.34 2.88 13.44
CA GLU A 44 -4.46 3.72 14.28
C GLU A 44 -4.73 3.52 15.78
N GLU A 45 -3.83 4.03 16.64
CA GLU A 45 -3.89 3.82 18.09
C GLU A 45 -5.18 4.35 18.76
N ARG A 46 -5.52 5.63 18.49
CA ARG A 46 -6.67 6.34 19.08
C ARG A 46 -7.00 7.63 18.31
N CYS A 47 -8.21 8.18 18.53
CA CYS A 47 -8.64 9.46 17.99
C CYS A 47 -7.79 10.64 18.55
N PRO A 48 -7.76 11.80 17.85
CA PRO A 48 -6.97 12.97 18.27
C PRO A 48 -7.57 13.67 19.51
N PRO A 49 -6.76 14.45 20.26
CA PRO A 49 -7.21 15.21 21.45
C PRO A 49 -8.17 16.36 21.09
#